data_3ITE
#
_entry.id   3ITE
#
_cell.length_a   50.598
_cell.length_b   75.280
_cell.length_c   84.137
_cell.angle_alpha   114.85
_cell.angle_beta   94.78
_cell.angle_gamma   90.18
#
_symmetry.space_group_name_H-M   'P 1'
#
loop_
_entity.id
_entity.type
_entity.pdbx_description
1 polymer 'SidN siderophore synthetase'
2 non-polymer 'SULFATE ION'
3 non-polymer 'CHLORIDE ION'
4 water water
#
_entity_poly.entity_id   1
_entity_poly.type   'polypeptide(L)'
_entity_poly.pdbx_seq_one_letter_code
;GSGAVSIASSKVSAQYTSTVPPSHYIETWAKTHPEWKAVEVATGFLGSQKIVTEDWTYKKLNETANQVANLIIHASLHGR
AIAVSLDRSLIAFAIIVGI(MSE)KSGNTYVPIEAGLPNDRKSFLLRDSRAA(MSE)AFVCDNNFDGVELPPETKVLDTK
NQSFIENLSTQDTSDILNNYPENLDAYLLYTSGSTGTPKGVRVSRHNLSSFSDAWGKLIGNVAPKSLELGGVGKFLCLAS
RAFDVHIGE(MSE)FLAWRFGLCAVTGERLS(MSE)LDDLPRTFRELGVTHAGIVPSLLDQTGLVPEDAPHLVYLGVGGE
K(MSE)TPRTQQIWSSSDRVALVNVYGPTEVTIGCSAGRILPDSDTRCIGHPLGDSVAHVLAPGSNEHVKKG(MSE)AGE
LVIEGSLVANGYLNRPDAKGFCDINGRK(MSE)YRTGDIVR(MSE)DADSSILFLGRKDEQVKVRGQRLELGEVSEVIRS
LSPTDIDVVTLLLNHPGTSKQFLVSFVASSGAAVRGELRWINENYKEINNSLRQACEQTLPAY(MSE)VPDFIIPISFIP
LRDTSAKTDAKALEH(MSE)FHTLSLGELFGESSSLVNKPTT
;
_entity_poly.pdbx_strand_id   A,B
#
loop_
_chem_comp.id
_chem_comp.type
_chem_comp.name
_chem_comp.formula
CL non-polymer 'CHLORIDE ION' 'Cl -1'
SO4 non-polymer 'SULFATE ION' 'O4 S -2'
#
# COMPACT_ATOMS: atom_id res chain seq x y z
N SER A 18 -21.83 13.12 -7.08
CA SER A 18 -20.83 13.15 -6.03
C SER A 18 -19.79 12.04 -6.22
N THR A 19 -18.61 12.22 -5.61
CA THR A 19 -17.42 11.50 -6.00
C THR A 19 -16.55 11.28 -4.78
N VAL A 20 -15.63 10.32 -4.86
CA VAL A 20 -14.56 10.21 -3.87
C VAL A 20 -13.60 11.39 -4.10
N PRO A 21 -12.85 11.79 -3.07
CA PRO A 21 -11.97 12.97 -3.16
C PRO A 21 -10.76 12.69 -4.03
N PRO A 22 -10.05 13.72 -4.45
CA PRO A 22 -8.81 13.58 -5.28
C PRO A 22 -7.79 12.66 -4.65
N SER A 23 -7.61 12.73 -3.35
CA SER A 23 -6.55 11.92 -2.73
C SER A 23 -7.05 10.47 -2.32
N HIS A 24 -8.20 10.09 -2.83
CA HIS A 24 -8.81 8.81 -2.46
C HIS A 24 -7.91 7.59 -2.69
N TYR A 25 -7.25 7.52 -3.83
CA TYR A 25 -6.49 6.31 -4.16
C TYR A 25 -5.19 6.28 -3.37
N ILE A 26 -4.62 7.45 -3.11
CA ILE A 26 -3.51 7.49 -2.20
C ILE A 26 -3.88 6.85 -0.87
N GLU A 27 -5.04 7.24 -0.32
CA GLU A 27 -5.46 6.76 1.01
C GLU A 27 -5.76 5.25 0.90
N THR A 28 -6.41 4.84 -0.19
CA THR A 28 -6.82 3.48 -0.34
C THR A 28 -5.62 2.53 -0.40
N TRP A 29 -4.58 2.79 -1.25
CA TRP A 29 -3.41 1.95 -1.33
C TRP A 29 -2.57 2.06 -0.07
N ALA A 30 -2.55 3.21 0.60
CA ALA A 30 -1.86 3.33 1.88
C ALA A 30 -2.46 2.30 2.89
N LYS A 31 -3.76 2.08 2.84
CA LYS A 31 -4.41 1.07 3.74
C LYS A 31 -4.19 -0.38 3.31
N THR A 32 -4.44 -0.65 2.04
CA THR A 32 -4.41 -2.01 1.57
C THR A 32 -2.98 -2.52 1.22
N HIS A 33 -2.11 -1.66 0.72
CA HIS A 33 -0.74 -2.03 0.36
C HIS A 33 0.28 -0.97 0.77
N PRO A 34 0.44 -0.75 2.07
CA PRO A 34 1.15 0.44 2.54
C PRO A 34 2.59 0.42 2.04
N GLU A 35 3.16 -0.73 1.67
CA GLU A 35 4.60 -0.80 1.28
C GLU A 35 4.90 -0.56 -0.25
N TRP A 36 3.91 -0.59 -1.10
CA TRP A 36 4.06 -0.14 -2.45
C TRP A 36 4.74 1.25 -2.55
N LYS A 37 5.54 1.47 -3.58
CA LYS A 37 6.09 2.83 -3.81
C LYS A 37 5.10 3.75 -4.53
N ALA A 38 4.98 4.96 -4.01
CA ALA A 38 3.99 5.92 -4.51
C ALA A 38 4.70 7.00 -5.26
N VAL A 39 5.89 7.39 -4.82
CA VAL A 39 6.63 8.42 -5.50
C VAL A 39 8.10 8.14 -5.43
N GLU A 40 8.79 8.55 -6.49
CA GLU A 40 10.22 8.32 -6.61
C GLU A 40 10.84 9.50 -7.38
N VAL A 41 12.00 9.95 -6.95
CA VAL A 41 12.66 11.01 -7.66
C VAL A 41 14.05 10.56 -7.96
N ALA A 42 14.39 10.76 -9.21
CA ALA A 42 15.60 10.20 -9.79
C ALA A 42 16.64 11.29 -9.90
N THR A 43 17.81 11.02 -9.30
CA THR A 43 19.04 11.80 -9.47
C THR A 43 20.19 11.10 -10.24
N GLY A 44 21.31 11.80 -10.35
CA GLY A 44 22.50 11.23 -10.91
C GLY A 44 22.50 11.62 -12.36
N PHE A 45 22.13 10.69 -13.21
CA PHE A 45 22.07 10.98 -14.60
C PHE A 45 23.48 11.23 -15.11
N ILE A 51 21.88 5.87 -12.80
CA ILE A 51 20.83 6.74 -12.16
C ILE A 51 20.42 6.40 -10.72
N VAL A 52 20.63 7.33 -9.78
CA VAL A 52 20.27 7.14 -8.36
C VAL A 52 18.84 7.64 -8.07
N THR A 53 18.09 6.91 -7.24
CA THR A 53 16.73 7.28 -6.95
C THR A 53 16.45 7.15 -5.47
N GLU A 54 15.45 7.89 -4.99
CA GLU A 54 14.92 7.71 -3.64
C GLU A 54 13.42 7.71 -3.77
N ASP A 55 12.72 7.02 -2.86
CA ASP A 55 11.30 6.91 -2.99
C ASP A 55 10.58 6.88 -1.65
N TRP A 56 9.26 7.04 -1.70
CA TRP A 56 8.42 6.87 -0.53
C TRP A 56 7.32 5.85 -0.81
N THR A 57 6.96 5.05 0.19
CA THR A 57 5.74 4.22 0.15
C THR A 57 4.43 5.06 0.11
N TYR A 58 3.34 4.42 -0.27
CA TYR A 58 2.02 5.02 -0.10
C TYR A 58 1.86 5.43 1.35
N LYS A 59 2.33 4.61 2.28
CA LYS A 59 2.05 4.92 3.73
C LYS A 59 2.77 6.23 4.08
N LYS A 60 4.04 6.32 3.71
CA LYS A 60 4.82 7.53 3.95
C LYS A 60 4.27 8.78 3.19
N LEU A 61 3.94 8.63 1.92
CA LEU A 61 3.40 9.75 1.15
C LEU A 61 2.12 10.27 1.83
N ASN A 62 1.25 9.33 2.21
CA ASN A 62 -0.03 9.69 2.77
C ASN A 62 0.16 10.34 4.14
N GLU A 63 0.99 9.78 5.01
CA GLU A 63 1.24 10.42 6.31
C GLU A 63 1.76 11.85 6.14
N THR A 64 2.69 12.05 5.22
CA THR A 64 3.37 13.38 5.08
C THR A 64 2.36 14.37 4.54
N ALA A 65 1.51 13.93 3.63
CA ALA A 65 0.48 14.80 3.08
C ALA A 65 -0.53 15.24 4.14
N ASN A 66 -0.89 14.30 5.03
CA ASN A 66 -1.73 14.66 6.21
C ASN A 66 -1.01 15.66 7.10
N GLN A 67 0.27 15.49 7.30
CA GLN A 67 1.01 16.48 8.10
C GLN A 67 1.00 17.89 7.44
N VAL A 68 1.18 17.94 6.12
CA VAL A 68 1.14 19.20 5.38
C VAL A 68 -0.25 19.79 5.54
N ALA A 69 -1.28 18.93 5.42
CA ALA A 69 -2.65 19.42 5.48
C ALA A 69 -2.91 20.03 6.87
N ASN A 70 -2.40 19.38 7.91
CA ASN A 70 -2.61 19.84 9.28
C ASN A 70 -1.87 21.14 9.55
N LEU A 71 -0.69 21.28 8.95
CA LEU A 71 0.00 22.57 8.94
C LEU A 71 -0.89 23.68 8.37
N ILE A 72 -1.52 23.43 7.24
CA ILE A 72 -2.37 24.40 6.57
C ILE A 72 -3.63 24.72 7.37
N ILE A 73 -4.21 23.69 7.97
CA ILE A 73 -5.40 23.90 8.77
C ILE A 73 -5.03 24.72 10.00
N HIS A 74 -3.84 24.49 10.56
CA HIS A 74 -3.49 25.27 11.72
C HIS A 74 -3.34 26.75 11.38
N ALA A 75 -2.97 27.08 10.13
CA ALA A 75 -2.92 28.50 9.67
C ALA A 75 -4.32 29.00 9.31
N SER A 76 -5.35 28.24 9.67
CA SER A 76 -6.72 28.68 9.37
C SER A 76 -7.07 29.01 7.92
N LEU A 77 -6.51 28.28 6.93
CA LEU A 77 -6.82 28.58 5.53
C LEU A 77 -7.87 27.65 5.01
N HIS A 78 -8.94 28.16 4.39
CA HIS A 78 -9.96 27.27 3.85
C HIS A 78 -10.35 27.82 2.52
N GLY A 79 -10.24 27.01 1.46
CA GLY A 79 -10.70 27.51 0.17
C GLY A 79 -9.75 28.62 -0.30
N ARG A 80 -8.52 28.63 0.19
CA ARG A 80 -7.52 29.61 -0.24
C ARG A 80 -6.46 29.12 -1.26
N ALA A 81 -5.90 30.06 -2.01
CA ALA A 81 -4.88 29.72 -3.00
C ALA A 81 -3.56 29.50 -2.27
N ILE A 82 -2.97 28.35 -2.51
CA ILE A 82 -1.69 28.04 -1.85
C ILE A 82 -0.66 27.77 -2.95
N ALA A 83 0.35 28.61 -3.10
CA ALA A 83 1.22 28.50 -4.25
C ALA A 83 2.37 27.55 -3.95
N VAL A 84 2.87 26.92 -5.00
CA VAL A 84 3.96 25.93 -4.82
C VAL A 84 5.00 26.12 -5.92
N SER A 85 6.22 26.42 -5.51
CA SER A 85 7.32 26.65 -6.45
C SER A 85 8.53 25.88 -5.98
N LEU A 86 8.59 24.58 -6.34
CA LEU A 86 9.56 23.66 -5.72
C LEU A 86 10.41 22.96 -6.76
N ASP A 87 11.46 22.32 -6.31
CA ASP A 87 12.26 21.40 -7.14
C ASP A 87 11.44 20.09 -7.35
N ARG A 88 11.97 19.12 -8.07
CA ARG A 88 11.24 17.86 -8.24
C ARG A 88 11.60 16.92 -7.11
N SER A 89 10.92 17.07 -5.99
CA SER A 89 11.33 16.39 -4.77
C SER A 89 10.19 15.48 -4.27
N LEU A 90 10.47 14.59 -3.33
CA LEU A 90 9.39 13.78 -2.79
C LEU A 90 8.37 14.65 -2.06
N ILE A 91 8.85 15.62 -1.29
CA ILE A 91 7.94 16.42 -0.51
C ILE A 91 7.00 17.24 -1.39
N ALA A 92 7.44 17.63 -2.60
CA ALA A 92 6.56 18.37 -3.52
C ALA A 92 5.27 17.60 -3.72
N PHE A 93 5.38 16.29 -3.96
CA PHE A 93 4.17 15.52 -4.12
C PHE A 93 3.32 15.55 -2.82
N ALA A 94 3.94 15.43 -1.65
CA ALA A 94 3.14 15.42 -0.48
C ALA A 94 2.44 16.80 -0.24
N ILE A 95 3.11 17.88 -0.66
CA ILE A 95 2.55 19.24 -0.48
C ILE A 95 1.34 19.39 -1.38
N ILE A 96 1.46 18.98 -2.65
CA ILE A 96 0.28 19.02 -3.49
C ILE A 96 -0.93 18.29 -2.92
N VAL A 97 -0.71 17.05 -2.47
CA VAL A 97 -1.82 16.28 -1.96
C VAL A 97 -2.35 16.90 -0.67
N GLY A 98 -1.43 17.33 0.20
CA GLY A 98 -1.76 17.96 1.45
C GLY A 98 -2.65 19.19 1.22
N ILE A 99 -2.33 19.98 0.19
CA ILE A 99 -3.09 21.22 -0.05
C ILE A 99 -4.54 20.78 -0.33
N MSE A 100 -4.70 19.76 -1.14
CA MSE A 100 -6.03 19.28 -1.49
C MSE A 100 -6.75 18.59 -0.31
O MSE A 100 -7.96 18.76 -0.14
CB MSE A 100 -5.98 18.33 -2.69
CG MSE A 100 -5.83 19.20 -4.01
SE MSE A 100 -5.63 18.01 -5.44
CE MSE A 100 -4.46 19.20 -6.66
N LYS A 101 -6.01 17.84 0.49
CA LYS A 101 -6.63 17.23 1.69
C LYS A 101 -7.09 18.34 2.62
N SER A 102 -6.45 19.52 2.59
CA SER A 102 -6.84 20.59 3.58
C SER A 102 -8.03 21.39 3.06
N GLY A 103 -8.50 21.05 1.86
CA GLY A 103 -9.59 21.78 1.25
C GLY A 103 -9.17 23.20 0.76
N ASN A 104 -7.99 23.30 0.19
CA ASN A 104 -7.47 24.56 -0.35
C ASN A 104 -7.07 24.35 -1.81
N THR A 105 -6.57 25.40 -2.48
CA THR A 105 -6.39 25.32 -3.90
C THR A 105 -4.93 25.28 -4.24
N TYR A 106 -4.52 24.29 -5.03
CA TYR A 106 -3.12 24.17 -5.42
C TYR A 106 -2.82 25.15 -6.58
N VAL A 107 -1.77 25.94 -6.46
CA VAL A 107 -1.45 26.94 -7.49
C VAL A 107 0.00 26.74 -7.87
N PRO A 108 0.25 25.87 -8.86
CA PRO A 108 1.62 25.57 -9.28
C PRO A 108 2.28 26.83 -9.85
N ILE A 109 3.52 27.08 -9.48
CA ILE A 109 4.25 28.21 -10.08
C ILE A 109 5.61 27.65 -10.42
N GLU A 110 5.86 27.51 -11.72
CA GLU A 110 7.04 26.83 -12.21
C GLU A 110 8.28 27.60 -11.74
N ALA A 111 9.24 26.89 -11.18
CA ALA A 111 10.37 27.55 -10.49
C ALA A 111 11.22 28.33 -11.44
N GLY A 112 11.28 27.92 -12.70
CA GLY A 112 12.06 28.67 -13.67
C GLY A 112 11.40 29.92 -14.22
N LEU A 113 10.15 30.21 -13.88
CA LEU A 113 9.52 31.43 -14.40
C LEU A 113 10.34 32.67 -14.00
N PRO A 114 10.37 33.69 -14.86
CA PRO A 114 10.93 35.03 -14.50
C PRO A 114 10.27 35.59 -13.28
N ASN A 115 11.01 36.32 -12.47
CA ASN A 115 10.45 36.90 -11.25
C ASN A 115 9.19 37.72 -11.40
N ASP A 116 9.07 38.49 -12.46
CA ASP A 116 7.89 39.32 -12.61
C ASP A 116 6.67 38.45 -12.80
N ARG A 117 6.83 37.32 -13.50
CA ARG A 117 5.67 36.49 -13.80
C ARG A 117 5.29 35.65 -12.56
N LYS A 118 6.26 35.27 -11.75
CA LYS A 118 5.93 34.68 -10.46
C LYS A 118 5.15 35.70 -9.61
N SER A 119 5.59 36.93 -9.58
CA SER A 119 4.91 37.96 -8.78
C SER A 119 3.47 38.15 -9.20
N PHE A 120 3.24 38.31 -10.52
CA PHE A 120 1.89 38.35 -11.02
C PHE A 120 1.00 37.16 -10.56
N LEU A 121 1.51 35.93 -10.60
CA LEU A 121 0.69 34.79 -10.26
C LEU A 121 0.30 34.78 -8.76
N LEU A 122 1.26 35.12 -7.89
CA LEU A 122 0.97 35.29 -6.48
C LEU A 122 -0.10 36.32 -6.24
N ARG A 123 -0.02 37.44 -6.93
CA ARG A 123 -0.90 38.54 -6.74
C ARG A 123 -2.27 38.26 -7.33
N ASP A 124 -2.32 37.79 -8.57
CA ASP A 124 -3.60 37.51 -9.19
C ASP A 124 -4.36 36.44 -8.42
N SER A 125 -3.65 35.41 -7.94
CA SER A 125 -4.32 34.28 -7.27
C SER A 125 -4.67 34.60 -5.81
N ARG A 126 -4.05 35.62 -5.26
CA ARG A 126 -4.26 36.01 -3.85
C ARG A 126 -3.74 34.86 -2.96
N ALA A 127 -2.59 34.31 -3.34
CA ALA A 127 -1.96 33.26 -2.61
C ALA A 127 -1.83 33.60 -1.13
N ALA A 128 -2.39 32.75 -0.25
CA ALA A 128 -2.32 32.97 1.21
C ALA A 128 -1.08 32.36 1.81
N MSE A 129 -0.44 31.46 1.08
CA MSE A 129 0.75 30.80 1.58
C MSE A 129 1.53 30.24 0.35
O MSE A 129 0.98 30.08 -0.72
CB MSE A 129 0.32 29.66 2.52
CG MSE A 129 1.39 28.60 2.79
SE MSE A 129 0.74 27.20 4.13
CE MSE A 129 0.68 28.26 5.81
N ALA A 130 2.81 30.03 0.47
CA ALA A 130 3.57 29.51 -0.65
C ALA A 130 4.60 28.54 -0.10
N PHE A 131 4.78 27.39 -0.74
CA PHE A 131 5.85 26.47 -0.36
C PHE A 131 6.95 26.64 -1.43
N VAL A 132 8.17 26.91 -1.02
CA VAL A 132 9.22 27.22 -1.99
C VAL A 132 10.51 26.57 -1.49
N CYS A 133 11.52 26.53 -2.34
CA CYS A 133 12.87 26.16 -1.94
C CYS A 133 13.86 26.77 -2.91
N ASP A 134 15.14 26.63 -2.60
CA ASP A 134 16.19 26.98 -3.56
C ASP A 134 16.14 28.44 -4.06
N ASN A 135 15.79 29.39 -3.22
CA ASN A 135 15.66 30.74 -3.78
C ASN A 135 14.82 30.84 -5.07
N ASN A 136 13.83 29.97 -5.23
CA ASN A 136 12.88 30.12 -6.32
C ASN A 136 12.09 31.43 -6.24
N PHE A 137 12.02 31.99 -5.04
CA PHE A 137 11.26 33.22 -4.86
C PHE A 137 12.23 34.40 -4.66
N ASP A 138 13.53 34.14 -4.70
CA ASP A 138 14.49 35.23 -4.61
C ASP A 138 14.24 36.26 -5.70
N GLY A 139 13.88 37.47 -5.29
CA GLY A 139 13.69 38.55 -6.24
C GLY A 139 12.28 38.63 -6.77
N VAL A 140 11.40 37.88 -6.12
CA VAL A 140 9.97 37.91 -6.39
C VAL A 140 9.36 38.86 -5.38
N GLU A 141 8.49 39.75 -5.83
CA GLU A 141 7.71 40.55 -4.88
C GLU A 141 6.60 39.72 -4.33
N LEU A 142 6.60 39.48 -3.02
CA LEU A 142 5.54 38.70 -2.38
C LEU A 142 4.38 39.60 -2.01
N PRO A 143 3.15 39.17 -2.28
CA PRO A 143 2.05 39.92 -1.68
C PRO A 143 2.14 39.85 -0.17
N PRO A 144 1.70 40.90 0.54
CA PRO A 144 1.82 40.89 1.99
C PRO A 144 1.05 39.73 2.57
N GLU A 145 -0.04 39.30 1.91
CA GLU A 145 -0.82 38.12 2.42
C GLU A 145 -0.11 36.78 2.31
N THR A 146 0.98 36.72 1.55
CA THR A 146 1.60 35.41 1.33
C THR A 146 2.56 35.00 2.47
N LYS A 147 2.19 33.95 3.20
CA LYS A 147 3.10 33.36 4.19
C LYS A 147 3.99 32.30 3.50
N VAL A 148 5.29 32.54 3.47
CA VAL A 148 6.23 31.73 2.66
C VAL A 148 6.98 30.67 3.49
N LEU A 149 6.88 29.41 3.11
CA LEU A 149 7.53 28.30 3.82
C LEU A 149 8.63 27.68 2.95
N ASP A 150 9.83 27.54 3.50
CA ASP A 150 10.96 27.00 2.75
C ASP A 150 11.10 25.51 3.07
N THR A 151 10.80 24.65 2.12
CA THR A 151 10.76 23.22 2.41
C THR A 151 12.10 22.67 2.81
N LYS A 152 13.18 23.42 2.68
CA LYS A 152 14.50 22.85 3.02
C LYS A 152 15.06 23.47 4.28
N ASN A 153 14.25 24.32 4.92
CA ASN A 153 14.62 24.99 6.14
C ASN A 153 14.40 24.12 7.37
N GLN A 154 15.45 23.95 8.16
CA GLN A 154 15.43 23.00 9.30
C GLN A 154 14.21 23.27 10.17
N SER A 155 13.85 24.54 10.30
CA SER A 155 12.70 24.86 11.12
C SER A 155 11.35 24.40 10.54
N PHE A 156 11.17 24.55 9.23
CA PHE A 156 9.96 24.07 8.61
C PHE A 156 9.87 22.53 8.73
N ILE A 157 10.98 21.83 8.53
CA ILE A 157 10.97 20.37 8.54
C ILE A 157 10.58 19.90 9.95
N GLU A 158 11.11 20.56 10.97
CA GLU A 158 10.86 20.10 12.33
C GLU A 158 9.39 20.33 12.69
N ASN A 159 8.86 21.48 12.32
CA ASN A 159 7.45 21.73 12.56
C ASN A 159 6.50 20.76 11.81
N LEU A 160 6.79 20.52 10.54
CA LEU A 160 6.04 19.54 9.79
C LEU A 160 6.02 18.16 10.50
N SER A 161 7.18 17.71 11.00
CA SER A 161 7.34 16.32 11.47
C SER A 161 6.56 16.13 12.75
N THR A 162 6.07 17.24 13.25
CA THR A 162 5.42 17.36 14.54
C THR A 162 3.90 17.32 14.40
N GLN A 163 3.40 17.52 13.18
CA GLN A 163 1.96 17.43 12.91
C GLN A 163 1.38 15.99 13.01
N ASP A 164 0.07 15.94 13.19
CA ASP A 164 -0.66 14.66 13.18
C ASP A 164 -0.63 13.95 11.78
N THR A 165 -0.63 12.61 11.73
CA THR A 165 -0.52 11.91 10.44
C THR A 165 -1.83 11.22 9.99
N SER A 166 -2.92 11.29 10.75
CA SER A 166 -4.15 10.62 10.33
C SER A 166 -4.79 11.31 9.19
N ASP A 167 -5.58 10.56 8.40
CA ASP A 167 -6.32 11.17 7.31
C ASP A 167 -7.22 12.29 7.81
N ILE A 168 -7.25 13.37 7.04
CA ILE A 168 -8.07 14.55 7.37
C ILE A 168 -9.49 14.20 7.05
N LEU A 169 -10.41 14.54 7.94
CA LEU A 169 -11.82 14.42 7.58
C LEU A 169 -12.18 15.39 6.43
N ASN A 170 -12.45 14.76 5.30
CA ASN A 170 -12.38 15.33 3.97
C ASN A 170 -13.79 15.59 3.42
N ASN A 171 -14.52 16.52 4.02
CA ASN A 171 -15.92 16.69 3.63
C ASN A 171 -16.23 18.03 2.97
N TYR A 172 -15.56 18.31 1.87
CA TYR A 172 -15.64 19.60 1.23
C TYR A 172 -16.66 19.57 0.11
N PRO A 173 -17.27 20.72 -0.22
CA PRO A 173 -18.22 20.71 -1.35
C PRO A 173 -17.58 20.19 -2.64
N GLU A 174 -18.37 19.60 -3.53
CA GLU A 174 -17.84 19.04 -4.80
C GLU A 174 -17.23 20.13 -5.71
N ASN A 175 -17.78 21.34 -5.69
CA ASN A 175 -17.38 22.30 -6.67
C ASN A 175 -16.28 23.19 -6.10
N LEU A 176 -15.80 22.88 -4.90
CA LEU A 176 -14.71 23.65 -4.32
C LEU A 176 -13.51 23.55 -5.25
N ASP A 177 -12.75 24.62 -5.47
CA ASP A 177 -11.56 24.50 -6.36
C ASP A 177 -10.51 23.52 -5.75
N ALA A 178 -9.92 22.66 -6.59
CA ALA A 178 -8.78 21.87 -6.18
C ALA A 178 -7.47 22.47 -6.69
N TYR A 179 -7.46 23.03 -7.89
CA TYR A 179 -6.24 23.68 -8.41
C TYR A 179 -6.60 24.87 -9.32
N LEU A 180 -5.59 25.71 -9.54
CA LEU A 180 -5.81 26.93 -10.31
C LEU A 180 -4.65 26.91 -11.25
N LEU A 181 -4.92 26.81 -12.54
CA LEU A 181 -3.85 26.58 -13.47
C LEU A 181 -3.89 27.69 -14.49
N TYR A 182 -2.78 28.41 -14.62
CA TYR A 182 -2.77 29.62 -15.44
C TYR A 182 -2.44 29.31 -16.89
N THR A 183 -3.23 29.87 -17.80
CA THR A 183 -3.06 29.67 -19.25
C THR A 183 -3.07 31.02 -19.97
N SER A 184 -2.47 31.11 -21.16
CA SER A 184 -2.34 32.47 -21.77
C SER A 184 -3.66 33.02 -22.34
N GLY A 188 -1.98 39.01 -23.63
CA GLY A 188 -0.72 38.64 -22.98
C GLY A 188 -0.82 38.43 -21.46
N THR A 189 -1.98 38.72 -20.88
CA THR A 189 -2.17 38.47 -19.45
C THR A 189 -2.72 37.07 -19.25
N PRO A 190 -1.99 36.25 -18.48
CA PRO A 190 -2.47 34.90 -18.29
C PRO A 190 -3.78 34.92 -17.46
N LYS A 191 -4.68 33.97 -17.73
CA LYS A 191 -5.89 33.79 -17.01
C LYS A 191 -5.87 32.43 -16.23
N GLY A 192 -6.33 32.48 -14.99
CA GLY A 192 -6.38 31.28 -14.14
C GLY A 192 -7.62 30.44 -14.36
N VAL A 193 -7.42 29.15 -14.60
CA VAL A 193 -8.53 28.24 -14.73
C VAL A 193 -8.75 27.52 -13.40
N ARG A 194 -9.97 27.58 -12.92
CA ARG A 194 -10.33 27.08 -11.63
C ARG A 194 -10.81 25.63 -11.87
N VAL A 195 -10.10 24.68 -11.34
CA VAL A 195 -10.54 23.30 -11.54
C VAL A 195 -11.04 22.73 -10.22
N SER A 196 -12.20 22.13 -10.23
CA SER A 196 -12.79 21.70 -8.98
C SER A 196 -12.33 20.29 -8.53
N ARG A 197 -12.66 19.97 -7.29
CA ARG A 197 -12.39 18.67 -6.71
C ARG A 197 -13.16 17.63 -7.50
N HIS A 198 -14.40 17.98 -7.81
CA HIS A 198 -15.23 17.11 -8.61
C HIS A 198 -14.63 16.87 -10.00
N ASN A 199 -14.11 17.92 -10.62
CA ASN A 199 -13.42 17.78 -11.91
C ASN A 199 -12.25 16.78 -11.85
N LEU A 200 -11.42 16.93 -10.85
CA LEU A 200 -10.19 16.18 -10.81
C LEU A 200 -10.56 14.72 -10.46
N SER A 201 -11.55 14.55 -9.60
CA SER A 201 -11.80 13.21 -9.13
C SER A 201 -12.57 12.45 -10.28
N SER A 202 -13.38 13.16 -11.06
CA SER A 202 -13.99 12.58 -12.26
C SER A 202 -12.95 12.25 -13.35
N PHE A 203 -11.92 13.08 -13.46
CA PHE A 203 -10.79 12.76 -14.32
C PHE A 203 -10.17 11.40 -13.92
N SER A 204 -9.87 11.22 -12.65
CA SER A 204 -9.18 10.02 -12.23
C SER A 204 -10.05 8.78 -12.49
N ASP A 205 -11.36 8.95 -12.32
CA ASP A 205 -12.29 7.88 -12.46
C ASP A 205 -12.47 7.54 -13.91
N ALA A 206 -12.61 8.56 -14.74
CA ALA A 206 -12.80 8.35 -16.17
C ALA A 206 -11.53 7.72 -16.80
N TRP A 207 -10.35 8.23 -16.44
CA TRP A 207 -9.13 7.70 -17.01
C TRP A 207 -8.77 6.35 -16.41
N GLY A 208 -9.14 6.08 -15.17
CA GLY A 208 -8.90 4.76 -14.59
C GLY A 208 -9.59 3.70 -15.46
N LYS A 209 -10.78 4.05 -15.91
CA LYS A 209 -11.57 3.17 -16.74
C LYS A 209 -11.01 3.06 -18.13
N LEU A 210 -10.60 4.18 -18.73
CA LEU A 210 -10.14 4.12 -20.12
C LEU A 210 -8.82 3.34 -20.19
N ILE A 211 -7.89 3.71 -19.33
CA ILE A 211 -6.57 3.09 -19.33
C ILE A 211 -6.68 1.60 -19.00
N GLY A 212 -7.52 1.26 -18.03
CA GLY A 212 -7.69 -0.14 -17.65
C GLY A 212 -8.26 -0.96 -18.81
N ASN A 213 -9.11 -0.33 -19.61
CA ASN A 213 -9.64 -0.97 -20.78
C ASN A 213 -8.59 -1.14 -21.91
N VAL A 214 -7.85 -0.08 -22.29
CA VAL A 214 -6.99 -0.18 -23.49
C VAL A 214 -5.63 -0.81 -23.14
N ALA A 215 -5.25 -0.76 -21.86
CA ALA A 215 -3.97 -1.32 -21.42
C ALA A 215 -4.19 -2.19 -20.17
N PRO A 216 -4.84 -3.35 -20.36
CA PRO A 216 -5.29 -4.23 -19.27
C PRO A 216 -4.15 -4.62 -18.35
N LYS A 217 -2.93 -4.68 -18.86
CA LYS A 217 -1.85 -5.01 -17.95
C LYS A 217 -1.79 -4.00 -16.78
N SER A 218 -2.27 -2.78 -17.02
CA SER A 218 -2.33 -1.75 -15.97
C SER A 218 -2.97 -2.30 -14.65
N LEU A 219 -3.99 -3.14 -14.76
CA LEU A 219 -4.66 -3.70 -13.53
C LEU A 219 -3.82 -4.74 -12.82
N GLU A 220 -2.73 -5.18 -13.47
CA GLU A 220 -1.75 -6.13 -12.90
C GLU A 220 -0.53 -5.44 -12.33
N LEU A 221 -0.41 -4.12 -12.53
CA LEU A 221 0.84 -3.45 -12.21
C LEU A 221 0.88 -2.73 -10.88
N GLY A 222 -0.18 -2.88 -10.08
CA GLY A 222 -0.24 -2.20 -8.79
C GLY A 222 0.99 -2.64 -8.05
N GLY A 223 1.72 -1.73 -7.44
CA GLY A 223 2.93 -2.06 -6.69
C GLY A 223 4.19 -2.26 -7.52
N VAL A 224 4.06 -2.29 -8.85
CA VAL A 224 5.22 -2.50 -9.70
C VAL A 224 5.46 -1.45 -10.81
N GLY A 225 4.38 -1.07 -11.48
CA GLY A 225 4.54 -0.12 -12.57
C GLY A 225 4.84 1.29 -12.10
N LYS A 226 5.11 2.14 -13.08
CA LYS A 226 5.50 3.54 -12.83
C LYS A 226 4.97 4.47 -13.90
N PHE A 227 4.49 5.63 -13.46
CA PHE A 227 3.99 6.60 -14.40
C PHE A 227 5.01 7.72 -14.41
N LEU A 228 5.58 7.97 -15.56
CA LEU A 228 6.60 8.96 -15.66
C LEU A 228 5.94 10.35 -15.56
N CYS A 229 6.38 11.16 -14.63
CA CYS A 229 5.88 12.56 -14.47
C CYS A 229 6.84 13.47 -15.21
N LEU A 230 6.57 13.63 -16.51
CA LEU A 230 7.53 14.28 -17.42
C LEU A 230 7.10 15.76 -17.66
N ALA A 231 5.82 16.04 -17.55
CA ALA A 231 5.31 17.38 -17.93
C ALA A 231 5.89 18.46 -17.05
N SER A 232 6.17 19.62 -17.65
CA SER A 232 6.37 20.86 -16.90
C SER A 232 5.23 21.16 -15.93
N ARG A 233 5.55 21.71 -14.77
CA ARG A 233 4.48 22.17 -13.88
C ARG A 233 3.64 23.36 -14.36
N ALA A 234 4.05 23.94 -15.47
CA ALA A 234 3.27 24.97 -16.13
C ALA A 234 1.99 24.38 -16.70
N PHE A 235 1.92 23.05 -16.93
CA PHE A 235 0.73 22.52 -17.59
C PHE A 235 -0.06 21.58 -16.67
N ASP A 236 -1.35 21.43 -16.92
CA ASP A 236 -2.20 20.57 -16.05
C ASP A 236 -1.82 19.11 -16.19
N VAL A 237 -1.11 18.78 -17.27
CA VAL A 237 -0.69 17.42 -17.53
C VAL A 237 0.06 16.89 -16.32
N HIS A 238 0.80 17.77 -15.63
CA HIS A 238 1.65 17.22 -14.56
C HIS A 238 0.76 16.71 -13.40
N ILE A 239 -0.43 17.28 -13.29
CA ILE A 239 -1.34 16.89 -12.23
C ILE A 239 -1.94 15.54 -12.61
N GLY A 240 -2.33 15.41 -13.87
CA GLY A 240 -2.85 14.18 -14.39
C GLY A 240 -1.92 12.99 -14.21
N GLU A 241 -0.65 13.18 -14.56
CA GLU A 241 0.33 12.13 -14.46
C GLU A 241 0.33 11.61 -13.00
N MSE A 242 0.52 12.49 -12.01
CA MSE A 242 0.71 11.97 -10.65
C MSE A 242 -0.60 11.29 -10.14
O MSE A 242 -0.54 10.20 -9.55
CB MSE A 242 1.27 13.00 -9.65
CG MSE A 242 0.30 14.00 -9.34
SE MSE A 242 1.05 15.50 -8.26
CE MSE A 242 2.46 16.12 -9.41
N PHE A 243 -1.76 11.86 -10.43
CA PHE A 243 -3.00 11.27 -9.91
C PHE A 243 -3.37 9.95 -10.64
N LEU A 244 -2.95 9.80 -11.92
CA LEU A 244 -3.18 8.53 -12.64
C LEU A 244 -2.24 7.45 -12.12
N ALA A 245 -1.01 7.81 -11.78
CA ALA A 245 -0.14 6.83 -11.15
C ALA A 245 -0.87 6.31 -9.88
N TRP A 246 -1.39 7.21 -9.07
CA TRP A 246 -1.95 6.78 -7.79
C TRP A 246 -3.25 6.01 -7.97
N ARG A 247 -4.02 6.38 -8.97
CA ARG A 247 -5.22 5.67 -9.31
C ARG A 247 -4.97 4.16 -9.47
N PHE A 248 -3.84 3.81 -10.06
CA PHE A 248 -3.57 2.40 -10.40
C PHE A 248 -2.60 1.73 -9.42
N GLY A 249 -2.19 2.41 -8.37
CA GLY A 249 -1.25 1.81 -7.44
C GLY A 249 0.19 1.82 -7.95
N LEU A 250 0.47 2.67 -8.95
CA LEU A 250 1.81 2.78 -9.48
C LEU A 250 2.66 3.71 -8.65
N CYS A 251 3.94 3.78 -9.02
CA CYS A 251 4.85 4.78 -8.49
C CYS A 251 4.90 5.98 -9.46
N ALA A 252 4.56 7.18 -8.98
CA ALA A 252 4.87 8.41 -9.74
C ALA A 252 6.36 8.66 -9.74
N VAL A 253 6.98 8.70 -10.90
CA VAL A 253 8.40 8.87 -10.90
C VAL A 253 8.80 10.09 -11.76
N THR A 254 9.80 10.81 -11.26
CA THR A 254 10.17 12.06 -11.84
C THR A 254 11.59 12.44 -11.52
N GLY A 255 12.06 13.50 -12.18
CA GLY A 255 13.39 14.03 -11.95
C GLY A 255 13.44 15.44 -12.51
N GLU A 256 14.55 16.14 -12.35
CA GLU A 256 14.71 17.44 -13.01
C GLU A 256 14.45 17.26 -14.51
N ARG A 257 13.60 18.08 -15.09
CA ARG A 257 13.23 17.91 -16.50
C ARG A 257 14.45 17.96 -17.47
N LEU A 258 15.40 18.85 -17.29
CA LEU A 258 16.52 18.85 -18.18
C LEU A 258 17.23 17.48 -18.11
N SER A 259 17.31 16.91 -16.93
CA SER A 259 18.00 15.65 -16.79
C SER A 259 17.16 14.53 -17.44
N MSE A 260 15.85 14.48 -17.19
CA MSE A 260 15.05 13.39 -17.80
C MSE A 260 15.05 13.51 -19.32
O MSE A 260 14.92 12.51 -20.02
CB MSE A 260 13.57 13.40 -17.37
CG MSE A 260 13.28 13.25 -15.88
SE MSE A 260 11.27 13.26 -15.59
CE MSE A 260 10.82 15.25 -15.76
N LEU A 261 15.06 14.75 -19.84
CA LEU A 261 14.90 14.93 -21.26
C LEU A 261 16.25 14.76 -21.97
N ASP A 262 17.36 14.73 -21.21
CA ASP A 262 18.66 14.70 -21.85
C ASP A 262 18.80 13.42 -22.72
N ASP A 263 18.42 12.30 -22.15
CA ASP A 263 18.52 11.00 -22.90
C ASP A 263 17.21 10.29 -22.61
N LEU A 264 16.21 10.51 -23.44
CA LEU A 264 14.88 10.08 -23.19
C LEU A 264 14.82 8.53 -23.16
N PRO A 265 15.49 7.84 -24.10
CA PRO A 265 15.54 6.38 -23.89
C PRO A 265 16.08 5.96 -22.51
N ARG A 266 17.14 6.57 -22.02
CA ARG A 266 17.66 6.19 -20.73
C ARG A 266 16.63 6.35 -19.61
N THR A 267 15.85 7.41 -19.70
CA THR A 267 14.85 7.69 -18.72
C THR A 267 13.76 6.61 -18.69
N PHE A 268 13.20 6.24 -19.84
CA PHE A 268 12.19 5.23 -19.90
C PHE A 268 12.74 3.87 -19.47
N ARG A 269 13.91 3.52 -19.99
CA ARG A 269 14.58 2.27 -19.72
C ARG A 269 14.99 2.12 -18.24
N GLU A 270 15.74 3.05 -17.70
CA GLU A 270 16.36 2.83 -16.40
C GLU A 270 15.40 3.08 -15.25
N LEU A 271 14.29 3.77 -15.49
CA LEU A 271 13.37 4.12 -14.36
C LEU A 271 12.18 3.14 -14.32
N GLY A 272 12.22 2.11 -15.18
CA GLY A 272 11.18 1.09 -15.27
C GLY A 272 9.79 1.63 -15.62
N VAL A 273 9.72 2.55 -16.57
CA VAL A 273 8.46 3.23 -16.81
C VAL A 273 7.44 2.36 -17.53
N THR A 274 6.22 2.22 -16.99
CA THR A 274 5.21 1.46 -17.70
C THR A 274 4.11 2.32 -18.32
N HIS A 275 3.96 3.56 -17.83
CA HIS A 275 2.92 4.46 -18.34
C HIS A 275 3.49 5.89 -18.52
N ALA A 276 3.09 6.58 -19.59
CA ALA A 276 3.59 7.92 -19.83
C ALA A 276 2.68 8.66 -20.78
N GLY A 277 2.84 9.99 -20.80
CA GLY A 277 2.14 10.89 -21.72
C GLY A 277 3.22 11.82 -22.33
N ILE A 278 3.17 12.13 -23.60
CA ILE A 278 4.29 12.86 -24.23
C ILE A 278 3.69 13.57 -25.42
N VAL A 279 4.23 14.72 -25.80
CA VAL A 279 3.77 15.30 -27.05
C VAL A 279 4.55 14.57 -28.12
N PRO A 280 3.91 14.30 -29.23
CA PRO A 280 4.51 13.28 -30.10
C PRO A 280 5.75 13.80 -30.86
N SER A 281 5.92 15.13 -30.97
CA SER A 281 7.10 15.61 -31.68
C SER A 281 8.33 15.28 -30.84
N LEU A 282 8.18 15.10 -29.54
CA LEU A 282 9.30 14.67 -28.75
C LEU A 282 9.74 13.22 -29.09
N LEU A 283 8.77 12.41 -29.48
CA LEU A 283 9.10 11.06 -29.97
C LEU A 283 9.88 11.21 -31.26
N ASP A 284 9.40 12.08 -32.14
CA ASP A 284 10.11 12.31 -33.37
C ASP A 284 11.54 12.79 -33.13
N GLN A 285 11.71 13.79 -32.28
CA GLN A 285 13.01 14.40 -32.16
C GLN A 285 14.01 13.40 -31.63
N THR A 286 13.61 12.68 -30.60
CA THR A 286 14.51 11.68 -29.96
C THR A 286 14.66 10.34 -30.69
N GLY A 287 13.83 10.09 -31.68
CA GLY A 287 13.83 8.81 -32.38
C GLY A 287 13.39 7.68 -31.48
N LEU A 288 12.65 8.00 -30.42
CA LEU A 288 12.25 6.96 -29.50
C LEU A 288 11.50 5.85 -30.26
N VAL A 289 11.82 4.58 -29.98
CA VAL A 289 10.94 3.51 -30.44
C VAL A 289 10.47 2.62 -29.23
N PRO A 290 9.50 1.71 -29.47
CA PRO A 290 9.06 0.89 -28.30
C PRO A 290 10.19 0.14 -27.64
N GLU A 291 11.25 -0.25 -28.36
CA GLU A 291 12.29 -1.02 -27.71
C GLU A 291 13.19 -0.17 -26.80
N ASP A 292 13.12 1.17 -26.94
CA ASP A 292 13.74 2.07 -25.97
C ASP A 292 12.99 2.14 -24.65
N ALA A 293 11.74 1.70 -24.60
CA ALA A 293 10.96 1.72 -23.36
C ALA A 293 10.42 0.31 -23.12
N PRO A 294 11.29 -0.61 -22.71
CA PRO A 294 10.90 -2.03 -22.69
C PRO A 294 9.75 -2.33 -21.73
N HIS A 295 9.52 -1.52 -20.68
CA HIS A 295 8.40 -1.87 -19.75
C HIS A 295 7.09 -1.15 -20.04
N LEU A 296 7.11 -0.29 -21.04
CA LEU A 296 5.97 0.54 -21.36
C LEU A 296 4.74 -0.25 -21.82
N VAL A 297 3.57 -0.01 -21.26
CA VAL A 297 2.33 -0.61 -21.73
C VAL A 297 1.31 0.42 -22.24
N TYR A 298 1.53 1.70 -21.93
CA TYR A 298 0.51 2.67 -22.23
C TYR A 298 1.26 3.98 -22.55
N LEU A 299 0.90 4.59 -23.65
CA LEU A 299 1.54 5.86 -24.06
C LEU A 299 0.43 6.82 -24.54
N GLY A 300 0.14 7.86 -23.74
CA GLY A 300 -0.78 8.89 -24.20
C GLY A 300 0.02 9.94 -25.02
N VAL A 301 -0.49 10.34 -26.17
CA VAL A 301 0.11 11.50 -26.87
C VAL A 301 -0.97 12.59 -27.06
N GLY A 302 -0.57 13.85 -27.17
CA GLY A 302 -1.55 14.89 -27.41
C GLY A 302 -0.86 16.21 -27.62
N GLY A 303 -1.64 17.24 -27.93
CA GLY A 303 -1.12 18.60 -27.88
C GLY A 303 -0.71 19.02 -29.27
N GLU A 304 -0.53 18.07 -30.15
CA GLU A 304 -0.32 18.35 -31.55
C GLU A 304 -0.53 17.05 -32.33
N LYS A 305 -0.73 17.17 -33.62
CA LYS A 305 -0.88 16.01 -34.49
C LYS A 305 0.43 15.23 -34.58
N MSE A 306 0.37 13.89 -34.62
CA MSE A 306 1.61 13.14 -34.71
C MSE A 306 1.98 12.95 -36.19
O MSE A 306 1.11 13.05 -37.03
CB MSE A 306 1.48 11.80 -33.96
CG MSE A 306 0.89 10.70 -34.75
SE MSE A 306 0.72 9.07 -33.59
CE MSE A 306 -1.01 9.64 -32.69
N THR A 307 3.25 12.70 -36.51
CA THR A 307 3.63 12.55 -37.90
C THR A 307 3.36 11.14 -38.35
N PRO A 308 3.22 10.96 -39.66
CA PRO A 308 2.96 9.63 -40.22
C PRO A 308 3.96 8.59 -39.77
N ARG A 309 5.23 8.93 -39.71
CA ARG A 309 6.21 7.93 -39.24
C ARG A 309 6.06 7.59 -37.72
N THR A 310 5.79 8.57 -36.87
CA THR A 310 5.53 8.29 -35.47
C THR A 310 4.38 7.30 -35.31
N GLN A 311 3.27 7.55 -36.00
CA GLN A 311 2.17 6.63 -36.02
C GLN A 311 2.58 5.20 -36.44
N GLN A 312 3.38 5.09 -37.50
CA GLN A 312 3.74 3.80 -38.06
C GLN A 312 4.55 3.08 -37.00
N ILE A 313 5.49 3.79 -36.40
CA ILE A 313 6.37 3.20 -35.40
C ILE A 313 5.64 2.77 -34.10
N TRP A 314 4.68 3.58 -33.61
CA TRP A 314 4.19 3.40 -32.24
C TRP A 314 2.78 2.79 -32.19
N SER A 315 2.05 2.75 -33.31
CA SER A 315 0.63 2.40 -33.23
C SER A 315 0.44 0.93 -33.49
N SER A 316 1.50 0.22 -33.79
CA SER A 316 1.35 -1.16 -34.23
C SER A 316 1.98 -2.10 -33.22
N SER A 317 2.18 -1.66 -31.98
CA SER A 317 2.87 -2.48 -31.04
C SER A 317 1.77 -3.35 -30.42
N ASP A 318 2.08 -4.58 -30.02
CA ASP A 318 1.07 -5.32 -29.26
C ASP A 318 1.33 -5.28 -27.73
N ARG A 319 2.38 -4.55 -27.34
CA ARG A 319 2.69 -4.32 -25.95
C ARG A 319 2.23 -2.93 -25.50
N VAL A 320 2.44 -1.92 -26.33
CA VAL A 320 2.10 -0.54 -25.95
C VAL A 320 0.78 -0.13 -26.56
N ALA A 321 -0.14 0.35 -25.74
CA ALA A 321 -1.35 0.99 -26.25
C ALA A 321 -1.09 2.48 -26.46
N LEU A 322 -1.36 2.98 -27.68
CA LEU A 322 -1.10 4.37 -28.01
C LEU A 322 -2.46 5.02 -28.08
N VAL A 323 -2.61 6.14 -27.39
CA VAL A 323 -3.89 6.80 -27.21
C VAL A 323 -3.69 8.30 -27.45
N ASN A 324 -4.47 8.86 -28.35
CA ASN A 324 -4.45 10.32 -28.62
C ASN A 324 -5.39 11.00 -27.66
N VAL A 325 -4.96 12.10 -27.05
CA VAL A 325 -5.71 12.70 -25.96
C VAL A 325 -5.97 14.17 -26.27
N TYR A 326 -7.22 14.59 -26.14
CA TYR A 326 -7.62 15.98 -26.34
C TYR A 326 -7.96 16.56 -24.98
N GLY A 327 -7.31 17.68 -24.66
CA GLY A 327 -7.40 18.21 -23.32
C GLY A 327 -7.07 19.68 -23.09
N PRO A 328 -7.98 20.56 -23.47
CA PRO A 328 -7.93 21.95 -22.99
C PRO A 328 -7.92 21.99 -21.44
N THR A 329 -7.14 22.87 -20.85
CA THR A 329 -7.10 23.07 -19.41
C THR A 329 -8.49 23.24 -18.81
N GLU A 330 -9.35 23.94 -19.54
CA GLU A 330 -10.70 24.30 -19.09
C GLU A 330 -11.60 23.07 -18.99
N VAL A 331 -11.17 21.93 -19.52
CA VAL A 331 -11.94 20.71 -19.36
C VAL A 331 -11.09 19.60 -18.73
N THR A 332 -10.29 19.97 -17.74
CA THR A 332 -9.60 19.05 -16.83
C THR A 332 -8.76 17.96 -17.52
N ILE A 333 -7.68 18.41 -18.17
CA ILE A 333 -6.56 17.56 -18.57
C ILE A 333 -6.80 16.70 -19.80
N GLY A 334 -7.84 15.88 -19.80
CA GLY A 334 -8.12 15.09 -20.99
C GLY A 334 -9.56 14.75 -20.96
N CYS A 335 -10.34 15.29 -21.89
CA CYS A 335 -11.77 14.98 -21.88
C CYS A 335 -12.21 14.12 -23.07
N SER A 336 -11.29 13.83 -23.98
CA SER A 336 -11.63 12.93 -25.10
C SER A 336 -10.39 12.17 -25.48
N ALA A 337 -10.52 10.88 -25.85
CA ALA A 337 -9.34 10.13 -26.21
C ALA A 337 -9.70 8.96 -27.07
N GLY A 338 -8.77 8.45 -27.85
CA GLY A 338 -9.03 7.19 -28.53
C GLY A 338 -7.73 6.50 -28.86
N ARG A 339 -7.81 5.17 -28.93
CA ARG A 339 -6.65 4.39 -29.31
C ARG A 339 -6.31 4.69 -30.76
N ILE A 340 -5.00 4.79 -31.04
CA ILE A 340 -4.53 5.07 -32.39
C ILE A 340 -3.98 3.77 -32.92
N LEU A 341 -4.51 3.35 -34.06
CA LEU A 341 -4.01 2.19 -34.78
C LEU A 341 -3.41 2.62 -36.13
N PRO A 342 -2.78 1.66 -36.82
CA PRO A 342 -2.01 2.05 -38.03
C PRO A 342 -2.87 2.70 -39.07
N ASP A 343 -4.16 2.37 -39.11
CA ASP A 343 -5.05 2.99 -40.08
C ASP A 343 -5.88 4.16 -39.52
N SER A 344 -5.67 4.55 -38.26
CA SER A 344 -6.38 5.70 -37.69
C SER A 344 -5.98 7.04 -38.36
N ASP A 345 -6.94 7.93 -38.49
CA ASP A 345 -6.68 9.28 -38.92
C ASP A 345 -6.00 10.01 -37.73
N THR A 346 -4.92 10.75 -37.95
CA THR A 346 -4.19 11.27 -36.81
C THR A 346 -4.90 12.48 -36.23
N ARG A 347 -5.92 12.98 -36.90
CA ARG A 347 -6.69 14.09 -36.30
C ARG A 347 -7.78 13.55 -35.35
N CYS A 348 -7.99 12.23 -35.32
CA CYS A 348 -9.03 11.69 -34.48
C CYS A 348 -8.74 11.80 -32.97
N ILE A 349 -9.63 12.46 -32.24
CA ILE A 349 -9.39 12.64 -30.84
C ILE A 349 -10.31 11.73 -30.03
N GLY A 350 -10.94 10.77 -30.71
CA GLY A 350 -11.61 9.68 -30.04
C GLY A 350 -13.01 10.02 -29.56
N HIS A 351 -13.33 9.49 -28.39
CA HIS A 351 -14.64 9.66 -27.77
C HIS A 351 -14.54 10.36 -26.40
N PRO A 352 -15.60 11.08 -26.02
CA PRO A 352 -15.58 11.79 -24.74
C PRO A 352 -15.40 10.82 -23.57
N LEU A 353 -14.74 11.26 -22.49
CA LEU A 353 -14.46 10.42 -21.35
C LEU A 353 -15.51 10.58 -20.25
N GLY A 354 -15.76 9.48 -19.53
CA GLY A 354 -16.66 9.49 -18.39
C GLY A 354 -18.04 9.99 -18.80
N ASP A 355 -18.59 10.93 -18.06
CA ASP A 355 -19.94 11.37 -18.40
C ASP A 355 -19.95 12.54 -19.39
N SER A 356 -18.79 12.87 -19.97
CA SER A 356 -18.72 14.08 -20.78
C SER A 356 -19.62 13.93 -22.00
N VAL A 357 -20.18 15.01 -22.47
CA VAL A 357 -20.93 14.93 -23.70
C VAL A 357 -20.38 15.94 -24.67
N ALA A 358 -20.04 15.51 -25.88
CA ALA A 358 -19.54 16.44 -26.88
C ALA A 358 -20.70 16.87 -27.75
N HIS A 359 -20.77 18.16 -28.05
CA HIS A 359 -21.73 18.70 -28.99
C HIS A 359 -20.93 19.41 -30.10
N VAL A 360 -21.44 19.40 -31.32
CA VAL A 360 -20.86 20.23 -32.37
C VAL A 360 -21.90 21.23 -32.81
N LEU A 361 -21.63 22.51 -32.58
CA LEU A 361 -22.62 23.56 -32.72
C LEU A 361 -22.16 24.49 -33.81
N ALA A 362 -23.10 25.19 -34.45
CA ALA A 362 -22.70 26.23 -35.37
C ALA A 362 -21.82 27.20 -34.58
N PRO A 363 -20.68 27.60 -35.15
CA PRO A 363 -19.81 28.54 -34.45
C PRO A 363 -20.53 29.74 -33.80
N GLY A 364 -21.60 30.25 -34.40
CA GLY A 364 -22.26 31.44 -33.88
C GLY A 364 -23.52 31.25 -33.05
N SER A 365 -23.97 30.03 -32.84
CA SER A 365 -25.25 29.83 -32.17
C SER A 365 -25.17 28.69 -31.17
N ASN A 366 -26.32 28.24 -30.69
CA ASN A 366 -26.41 27.00 -29.91
C ASN A 366 -27.02 25.83 -30.70
N GLU A 367 -27.12 25.98 -32.02
CA GLU A 367 -27.73 24.95 -32.86
C GLU A 367 -26.75 23.82 -33.17
N HIS A 368 -27.18 22.58 -32.93
CA HIS A 368 -26.39 21.43 -33.33
C HIS A 368 -26.31 21.37 -34.85
N VAL A 369 -25.16 20.97 -35.40
CA VAL A 369 -25.05 20.69 -36.84
C VAL A 369 -25.39 19.23 -37.10
N LYS A 370 -25.76 18.91 -38.34
CA LYS A 370 -25.99 17.52 -38.72
C LYS A 370 -24.68 16.75 -38.54
N LYS A 371 -24.78 15.57 -37.96
CA LYS A 371 -23.61 14.73 -37.75
C LYS A 371 -22.87 14.57 -39.06
N GLY A 372 -21.55 14.72 -39.01
CA GLY A 372 -20.74 14.73 -40.21
C GLY A 372 -20.33 16.12 -40.67
N MSE A 373 -21.04 17.18 -40.26
CA MSE A 373 -20.63 18.53 -40.66
C MSE A 373 -19.62 19.17 -39.66
O MSE A 373 -19.64 18.81 -38.47
CB MSE A 373 -21.84 19.47 -40.70
CB MSE A 373 -21.87 19.41 -40.88
CG MSE A 373 -22.98 19.07 -41.59
CG MSE A 373 -22.81 18.89 -41.98
SE MSE A 373 -24.63 20.08 -41.14
SE MSE A 373 -22.05 18.72 -43.78
CE MSE A 373 -23.95 21.93 -41.11
CE MSE A 373 -21.93 16.76 -43.96
N ALA A 374 -18.78 20.09 -40.13
CA ALA A 374 -17.83 20.78 -39.27
C ALA A 374 -18.53 21.83 -38.41
N GLY A 375 -18.03 22.03 -37.20
CA GLY A 375 -18.51 23.08 -36.32
C GLY A 375 -17.63 23.16 -35.08
N GLU A 376 -18.02 24.02 -34.15
CA GLU A 376 -17.24 24.21 -32.92
C GLU A 376 -17.56 23.14 -31.90
N LEU A 377 -16.52 22.51 -31.36
CA LEU A 377 -16.64 21.55 -30.28
C LEU A 377 -17.00 22.26 -28.97
N VAL A 378 -18.08 21.78 -28.35
CA VAL A 378 -18.54 22.34 -27.11
C VAL A 378 -18.71 21.19 -26.17
N ILE A 379 -18.06 21.24 -25.01
CA ILE A 379 -18.11 20.12 -24.07
C ILE A 379 -19.04 20.41 -22.90
N GLU A 380 -19.78 19.38 -22.52
CA GLU A 380 -20.62 19.44 -21.35
C GLU A 380 -20.21 18.28 -20.37
N GLY A 381 -20.40 18.45 -19.07
CA GLY A 381 -20.31 17.33 -18.13
C GLY A 381 -19.33 17.58 -17.01
N SER A 382 -18.97 16.53 -16.29
CA SER A 382 -18.23 16.66 -15.05
C SER A 382 -16.80 17.09 -15.22
N LEU A 383 -16.28 17.18 -16.45
CA LEU A 383 -14.90 17.61 -16.60
C LEU A 383 -14.82 19.12 -16.92
N VAL A 384 -15.97 19.76 -17.10
CA VAL A 384 -15.95 21.19 -17.38
C VAL A 384 -15.57 21.97 -16.12
N ALA A 385 -14.52 22.78 -16.22
CA ALA A 385 -13.94 23.47 -15.06
C ALA A 385 -14.89 24.53 -14.47
N ASN A 386 -14.56 25.10 -13.33
CA ASN A 386 -15.45 26.11 -12.69
C ASN A 386 -15.51 27.41 -13.47
N GLY A 387 -14.40 27.82 -14.05
CA GLY A 387 -14.41 29.00 -14.91
C GLY A 387 -13.09 29.67 -14.76
N TYR A 388 -12.94 30.84 -15.34
CA TYR A 388 -11.72 31.60 -15.17
C TYR A 388 -11.83 32.39 -13.89
N LEU A 389 -10.71 32.67 -13.23
CA LEU A 389 -10.70 33.46 -12.02
C LEU A 389 -10.69 35.00 -12.35
N ASN A 390 -11.75 35.72 -12.04
CA ASN A 390 -11.75 37.17 -12.22
C ASN A 390 -11.32 37.62 -13.62
N ARG A 391 -11.93 37.04 -14.66
CA ARG A 391 -11.73 37.46 -16.04
C ARG A 391 -13.10 37.49 -16.70
N PRO A 392 -13.93 38.44 -16.28
CA PRO A 392 -15.31 38.50 -16.77
C PRO A 392 -15.40 38.65 -18.29
N ASP A 393 -14.40 39.23 -18.95
CA ASP A 393 -14.47 39.35 -20.40
C ASP A 393 -13.95 38.12 -21.18
N ALA A 394 -13.29 37.18 -20.52
CA ALA A 394 -12.79 35.97 -21.23
C ALA A 394 -13.93 35.00 -21.44
N LYS A 395 -14.21 34.66 -22.68
CA LYS A 395 -15.37 33.81 -22.98
C LYS A 395 -15.01 32.31 -23.07
N GLY A 396 -16.03 31.46 -23.13
CA GLY A 396 -15.85 30.05 -23.33
C GLY A 396 -16.75 29.27 -22.40
N PHE A 397 -16.76 29.66 -21.12
CA PHE A 397 -17.67 28.99 -20.19
C PHE A 397 -19.04 29.60 -20.35
N CYS A 398 -20.09 28.81 -20.40
CA CYS A 398 -21.41 29.40 -20.50
C CYS A 398 -22.45 28.36 -20.22
N ASP A 399 -23.70 28.84 -20.12
CA ASP A 399 -24.85 27.98 -19.99
C ASP A 399 -25.51 27.90 -21.34
N ILE A 400 -25.73 26.68 -21.79
CA ILE A 400 -26.41 26.45 -23.05
C ILE A 400 -27.56 25.52 -22.69
N ASN A 401 -28.78 25.97 -22.96
CA ASN A 401 -29.98 25.25 -22.49
C ASN A 401 -29.90 24.93 -21.00
N GLY A 402 -29.46 25.89 -20.19
CA GLY A 402 -29.36 25.68 -18.76
C GLY A 402 -28.45 24.53 -18.29
N ARG A 403 -27.48 24.16 -19.11
CA ARG A 403 -26.43 23.23 -18.64
C ARG A 403 -25.03 23.89 -18.78
N LYS A 404 -24.13 23.56 -17.85
CA LYS A 404 -22.80 24.16 -17.83
C LYS A 404 -21.89 23.58 -18.93
N MSE A 405 -21.33 24.44 -19.78
CA MSE A 405 -20.55 23.91 -20.92
C MSE A 405 -19.33 24.74 -21.18
O MSE A 405 -19.20 25.82 -20.65
CB MSE A 405 -21.41 23.91 -22.17
CG MSE A 405 -22.59 23.00 -22.05
SE MSE A 405 -23.32 22.51 -23.78
CE MSE A 405 -24.95 21.63 -23.11
N TYR A 406 -18.43 24.26 -22.00
CA TYR A 406 -17.31 25.08 -22.40
C TYR A 406 -17.19 25.01 -23.92
N ARG A 407 -17.09 26.18 -24.56
CA ARG A 407 -16.92 26.26 -26.00
C ARG A 407 -15.43 26.34 -26.27
N THR A 408 -14.89 25.37 -26.99
CA THR A 408 -13.46 25.18 -27.05
C THR A 408 -12.77 26.15 -28.00
N GLY A 409 -13.49 26.71 -28.96
CA GLY A 409 -12.84 27.45 -30.03
C GLY A 409 -12.21 26.52 -31.09
N ASP A 410 -12.44 25.21 -30.99
CA ASP A 410 -11.85 24.26 -31.93
C ASP A 410 -12.93 23.79 -32.90
N ILE A 411 -12.53 23.63 -34.17
CA ILE A 411 -13.46 23.17 -35.19
C ILE A 411 -13.19 21.70 -35.40
N VAL A 412 -14.25 20.92 -35.36
CA VAL A 412 -14.18 19.47 -35.49
C VAL A 412 -15.35 18.97 -36.33
N ARG A 413 -15.38 17.66 -36.58
CA ARG A 413 -16.58 17.03 -37.09
C ARG A 413 -16.65 15.64 -36.54
N MSE A 414 -17.86 15.14 -36.35
CA MSE A 414 -18.02 13.74 -35.94
C MSE A 414 -17.97 12.79 -37.12
O MSE A 414 -18.62 13.00 -38.14
CB MSE A 414 -19.32 13.59 -35.19
CG MSE A 414 -19.19 14.13 -33.80
SE MSE A 414 -20.60 13.46 -32.64
CE MSE A 414 -21.94 14.86 -33.13
N ASP A 415 -17.14 11.77 -36.99
CA ASP A 415 -17.09 10.63 -37.91
C ASP A 415 -18.41 9.86 -37.81
N ALA A 416 -18.61 8.88 -38.69
CA ALA A 416 -19.86 8.13 -38.73
C ALA A 416 -20.10 7.41 -37.40
N ASP A 417 -19.02 6.94 -36.79
CA ASP A 417 -19.08 6.18 -35.54
C ASP A 417 -19.09 7.04 -34.28
N SER A 418 -19.22 8.36 -34.45
CA SER A 418 -19.30 9.29 -33.32
C SER A 418 -17.96 9.63 -32.68
N SER A 419 -16.86 9.12 -33.20
CA SER A 419 -15.58 9.64 -32.74
C SER A 419 -15.44 11.05 -33.37
N ILE A 420 -14.54 11.87 -32.85
CA ILE A 420 -14.47 13.27 -33.24
C ILE A 420 -13.13 13.51 -33.96
N LEU A 421 -13.17 14.16 -35.13
CA LEU A 421 -11.99 14.58 -35.87
C LEU A 421 -11.70 16.06 -35.65
N PHE A 422 -10.48 16.35 -35.25
CA PHE A 422 -10.05 17.73 -35.05
C PHE A 422 -9.66 18.41 -36.37
N LEU A 423 -10.34 19.51 -36.72
CA LEU A 423 -10.11 20.13 -38.02
C LEU A 423 -9.25 21.37 -37.97
N GLY A 424 -9.31 22.17 -36.90
CA GLY A 424 -8.55 23.42 -36.85
C GLY A 424 -9.11 24.33 -35.77
N ARG A 425 -8.64 25.59 -35.72
CA ARG A 425 -9.16 26.59 -34.80
C ARG A 425 -10.29 27.40 -35.41
N LYS A 426 -11.22 27.83 -34.57
CA LYS A 426 -12.27 28.72 -35.02
C LYS A 426 -11.66 30.10 -35.37
N ASP A 427 -12.14 30.69 -36.46
N THR B 17 4.39 -34.48 21.00
CA THR B 17 3.15 -35.06 21.49
C THR B 17 2.05 -34.77 20.48
N SER B 18 0.81 -34.86 20.96
CA SER B 18 -0.34 -34.98 20.09
C SER B 18 -1.50 -34.06 20.50
N THR B 19 -2.37 -33.79 19.54
CA THR B 19 -3.27 -32.64 19.56
C THR B 19 -4.55 -33.00 18.84
N VAL B 20 -5.62 -32.30 19.13
CA VAL B 20 -6.83 -32.37 18.31
C VAL B 20 -6.52 -31.74 16.93
N PRO B 21 -7.24 -32.11 15.89
CA PRO B 21 -7.00 -31.59 14.53
C PRO B 21 -7.40 -30.11 14.39
N PRO B 22 -6.92 -29.44 13.34
CA PRO B 22 -7.25 -28.02 13.06
C PRO B 22 -8.73 -27.75 13.04
N SER B 23 -9.49 -28.68 12.51
CA SER B 23 -10.92 -28.40 12.38
C SER B 23 -11.74 -28.82 13.64
N HIS B 24 -11.06 -29.12 14.73
CA HIS B 24 -11.72 -29.69 15.90
C HIS B 24 -12.86 -28.82 16.46
N TYR B 25 -12.60 -27.52 16.55
CA TYR B 25 -13.60 -26.67 17.17
C TYR B 25 -14.80 -26.47 16.25
N ILE B 26 -14.57 -26.38 14.96
CA ILE B 26 -15.69 -26.33 14.03
C ILE B 26 -16.60 -27.54 14.25
N GLU B 27 -15.99 -28.71 14.39
CA GLU B 27 -16.75 -29.96 14.55
C GLU B 27 -17.41 -29.97 15.94
N THR B 28 -16.68 -29.50 16.95
CA THR B 28 -17.22 -29.43 18.31
C THR B 28 -18.48 -28.56 18.42
N TRP B 29 -18.42 -27.31 17.91
CA TRP B 29 -19.57 -26.40 17.98
C TRP B 29 -20.68 -26.89 17.02
N ALA B 30 -20.34 -27.51 15.89
CA ALA B 30 -21.39 -28.08 15.04
C ALA B 30 -22.25 -29.09 15.83
N LYS B 31 -21.66 -29.79 16.80
CA LYS B 31 -22.39 -30.82 17.56
C LYS B 31 -23.15 -30.25 18.72
N THR B 32 -22.47 -29.39 19.48
CA THR B 32 -23.05 -28.81 20.68
C THR B 32 -23.96 -27.60 20.46
N HIS B 33 -23.62 -26.73 19.50
CA HIS B 33 -24.46 -25.58 19.18
C HIS B 33 -24.63 -25.37 17.67
N PRO B 34 -25.29 -26.31 17.01
CA PRO B 34 -25.29 -26.29 15.53
C PRO B 34 -25.81 -24.98 14.94
N GLU B 35 -26.67 -24.24 15.61
CA GLU B 35 -27.27 -23.05 15.04
C GLU B 35 -26.42 -21.76 15.21
N TRP B 36 -25.35 -21.80 15.99
CA TRP B 36 -24.49 -20.62 16.07
C TRP B 36 -23.96 -20.26 14.66
N LYS B 37 -23.70 -18.99 14.40
CA LYS B 37 -23.07 -18.59 13.12
C LYS B 37 -21.57 -18.77 13.14
N ALA B 38 -21.03 -19.36 12.08
CA ALA B 38 -19.61 -19.72 12.03
C ALA B 38 -18.91 -18.81 11.09
N VAL B 39 -19.55 -18.46 9.98
CA VAL B 39 -18.95 -17.58 8.97
C VAL B 39 -20.02 -16.68 8.40
N GLU B 40 -19.59 -15.48 8.03
CA GLU B 40 -20.51 -14.44 7.53
C GLU B 40 -19.78 -13.54 6.54
N VAL B 41 -20.38 -13.27 5.39
CA VAL B 41 -19.71 -12.40 4.44
C VAL B 41 -20.60 -11.19 4.23
N ALA B 42 -19.95 -10.03 4.22
CA ALA B 42 -20.65 -8.74 4.24
C ALA B 42 -20.50 -8.10 2.88
N THR B 43 -21.65 -7.77 2.30
CA THR B 43 -21.79 -7.00 1.04
C THR B 43 -22.45 -5.60 1.20
N GLY B 44 -22.54 -4.90 0.07
CA GLY B 44 -23.27 -3.65 0.03
C GLY B 44 -22.22 -2.58 0.24
N PHE B 45 -22.13 -2.10 1.46
CA PHE B 45 -21.17 -1.07 1.74
C PHE B 45 -21.49 0.17 0.91
N ILE B 51 -25.28 -2.12 5.10
CA ILE B 51 -24.44 -3.30 4.83
C ILE B 51 -25.25 -4.61 4.85
N VAL B 52 -25.26 -5.33 3.73
CA VAL B 52 -25.95 -6.62 3.63
C VAL B 52 -25.02 -7.80 3.95
N THR B 53 -25.52 -8.79 4.65
CA THR B 53 -24.67 -9.91 4.99
C THR B 53 -25.37 -11.24 4.80
N GLU B 54 -24.60 -12.29 4.65
CA GLU B 54 -25.16 -13.64 4.57
C GLU B 54 -24.25 -14.53 5.41
N ASP B 55 -24.81 -15.54 6.04
CA ASP B 55 -23.99 -16.36 6.92
C ASP B 55 -24.36 -17.83 6.88
N TRP B 56 -23.45 -18.65 7.44
CA TRP B 56 -23.71 -20.07 7.63
C TRP B 56 -23.58 -20.44 9.10
N THR B 57 -24.43 -21.33 9.63
CA THR B 57 -24.22 -21.95 10.91
C THR B 57 -22.97 -22.88 10.96
N TYR B 58 -22.56 -23.25 12.17
CA TYR B 58 -21.50 -24.23 12.34
C TYR B 58 -21.95 -25.52 11.65
N LYS B 59 -23.21 -25.85 11.74
CA LYS B 59 -23.64 -27.15 11.17
C LYS B 59 -23.43 -27.09 9.65
N LYS B 60 -23.84 -25.99 9.01
CA LYS B 60 -23.70 -25.84 7.58
C LYS B 60 -22.22 -25.72 7.11
N LEU B 61 -21.44 -24.94 7.81
CA LEU B 61 -20.03 -24.80 7.47
C LEU B 61 -19.38 -26.21 7.55
N ASN B 62 -19.74 -26.94 8.59
CA ASN B 62 -19.04 -28.22 8.84
C ASN B 62 -19.48 -29.23 7.77
N GLU B 63 -20.76 -29.31 7.47
CA GLU B 63 -21.25 -30.21 6.44
C GLU B 63 -20.60 -29.89 5.08
N THR B 64 -20.43 -28.59 4.77
CA THR B 64 -19.94 -28.17 3.45
C THR B 64 -18.47 -28.53 3.35
N ALA B 65 -17.74 -28.33 4.45
CA ALA B 65 -16.32 -28.68 4.47
C ALA B 65 -16.10 -30.21 4.28
N ASN B 66 -16.98 -31.01 4.86
CA ASN B 66 -16.90 -32.46 4.71
C ASN B 66 -17.16 -32.82 3.28
N GLN B 67 -18.09 -32.09 2.64
CA GLN B 67 -18.39 -32.37 1.24
C GLN B 67 -17.17 -32.03 0.38
N VAL B 68 -16.53 -30.91 0.70
CA VAL B 68 -15.34 -30.54 -0.03
C VAL B 68 -14.29 -31.60 0.17
N ALA B 69 -14.12 -32.10 1.41
CA ALA B 69 -13.04 -33.05 1.71
C ALA B 69 -13.31 -34.34 0.87
N ASN B 70 -14.57 -34.74 0.82
CA ASN B 70 -14.95 -35.94 0.11
C ASN B 70 -14.72 -35.81 -1.40
N LEU B 71 -14.94 -34.61 -1.92
CA LEU B 71 -14.51 -34.32 -3.32
C LEU B 71 -13.00 -34.57 -3.52
N ILE B 72 -12.21 -34.06 -2.60
CA ILE B 72 -10.76 -34.21 -2.66
C ILE B 72 -10.32 -35.67 -2.49
N ILE B 73 -10.97 -36.38 -1.59
CA ILE B 73 -10.63 -37.75 -1.35
C ILE B 73 -10.97 -38.58 -2.59
N HIS B 74 -12.05 -38.25 -3.26
CA HIS B 74 -12.40 -38.99 -4.44
C HIS B 74 -11.41 -38.75 -5.55
N ALA B 75 -10.72 -37.60 -5.58
CA ALA B 75 -9.61 -37.42 -6.57
C ALA B 75 -8.29 -38.12 -6.09
N SER B 76 -8.38 -38.92 -5.04
CA SER B 76 -7.21 -39.61 -4.52
C SER B 76 -6.02 -38.74 -4.16
N LEU B 77 -6.24 -37.60 -3.49
CA LEU B 77 -5.13 -36.73 -3.11
C LEU B 77 -4.82 -36.89 -1.64
N HIS B 78 -3.56 -37.13 -1.29
CA HIS B 78 -3.21 -37.25 0.11
C HIS B 78 -1.92 -36.56 0.31
N GLY B 79 -1.87 -35.61 1.25
CA GLY B 79 -0.63 -34.88 1.51
C GLY B 79 -0.21 -34.07 0.28
N ARG B 80 -1.17 -33.65 -0.54
CA ARG B 80 -0.87 -32.86 -1.73
C ARG B 80 -1.22 -31.34 -1.54
N ALA B 81 -0.51 -30.49 -2.30
CA ALA B 81 -0.80 -29.04 -2.32
C ALA B 81 -2.10 -28.76 -3.07
N ILE B 82 -3.02 -28.09 -2.45
CA ILE B 82 -4.26 -27.74 -3.11
C ILE B 82 -4.35 -26.24 -3.07
N ALA B 83 -4.30 -25.61 -4.23
CA ALA B 83 -4.28 -24.15 -4.28
C ALA B 83 -5.64 -23.53 -4.21
N VAL B 84 -5.74 -22.34 -3.60
CA VAL B 84 -7.04 -21.67 -3.48
C VAL B 84 -6.92 -20.17 -3.85
N SER B 85 -7.69 -19.74 -4.83
CA SER B 85 -7.65 -18.36 -5.27
C SER B 85 -9.09 -17.90 -5.48
N LEU B 86 -9.70 -17.43 -4.39
CA LEU B 86 -11.14 -17.19 -4.37
C LEU B 86 -11.47 -15.76 -3.97
N ASP B 87 -12.72 -15.37 -4.20
CA ASP B 87 -13.27 -14.15 -3.61
C ASP B 87 -13.50 -14.38 -2.07
N ARG B 88 -13.95 -13.36 -1.36
CA ARG B 88 -14.25 -13.57 0.05
C ARG B 88 -15.68 -14.10 0.18
N SER B 89 -15.83 -15.42 0.06
CA SER B 89 -17.16 -15.99 0.03
C SER B 89 -17.36 -16.96 1.19
N LEU B 90 -18.59 -17.41 1.44
CA LEU B 90 -18.76 -18.45 2.49
C LEU B 90 -18.02 -19.76 2.08
N ILE B 91 -18.15 -20.12 0.82
CA ILE B 91 -17.59 -21.41 0.41
C ILE B 91 -16.06 -21.41 0.54
N ALA B 92 -15.42 -20.23 0.46
CA ALA B 92 -13.95 -20.20 0.62
C ALA B 92 -13.59 -20.75 1.98
N PHE B 93 -14.37 -20.39 3.02
CA PHE B 93 -14.06 -20.91 4.33
C PHE B 93 -14.23 -22.45 4.30
N ALA B 94 -15.25 -22.95 3.62
CA ALA B 94 -15.46 -24.40 3.72
C ALA B 94 -14.37 -25.16 2.91
N ILE B 95 -13.85 -24.51 1.88
CA ILE B 95 -12.80 -25.11 1.05
C ILE B 95 -11.54 -25.24 1.88
N ILE B 96 -11.14 -24.18 2.57
CA ILE B 96 -9.97 -24.27 3.44
C ILE B 96 -10.06 -25.39 4.48
N VAL B 97 -11.18 -25.44 5.15
CA VAL B 97 -11.35 -26.44 6.17
C VAL B 97 -11.43 -27.85 5.52
N GLY B 98 -12.14 -27.96 4.42
CA GLY B 98 -12.25 -29.24 3.74
C GLY B 98 -10.87 -29.79 3.29
N ILE B 99 -10.01 -28.89 2.79
CA ILE B 99 -8.69 -29.26 2.37
C ILE B 99 -7.98 -29.92 3.57
N MSE B 100 -8.08 -29.28 4.73
CA MSE B 100 -7.42 -29.78 5.91
C MSE B 100 -8.09 -31.07 6.41
O MSE B 100 -7.39 -32.01 6.80
CB MSE B 100 -7.32 -28.71 7.00
CG MSE B 100 -6.12 -27.77 6.72
SE MSE B 100 -6.19 -26.40 7.99
CE MSE B 100 -5.38 -24.82 6.93
N LYS B 101 -9.42 -31.16 6.34
CA LYS B 101 -10.09 -32.41 6.76
C LYS B 101 -9.66 -33.56 5.84
N SER B 102 -9.23 -33.27 4.61
CA SER B 102 -8.94 -34.34 3.67
C SER B 102 -7.48 -34.82 3.84
N GLY B 103 -6.77 -34.21 4.75
CA GLY B 103 -5.35 -34.48 4.96
C GLY B 103 -4.42 -33.97 3.84
N ASN B 104 -4.76 -32.82 3.29
CA ASN B 104 -3.97 -32.16 2.25
C ASN B 104 -3.57 -30.74 2.69
N THR B 105 -2.78 -30.05 1.86
CA THR B 105 -2.17 -28.80 2.29
C THR B 105 -2.85 -27.63 1.62
N TYR B 106 -3.20 -26.64 2.38
CA TYR B 106 -3.81 -25.44 1.85
C TYR B 106 -2.76 -24.50 1.31
N VAL B 107 -2.93 -24.11 0.03
CA VAL B 107 -1.93 -23.19 -0.58
C VAL B 107 -2.67 -21.93 -1.08
N PRO B 108 -2.87 -20.94 -0.20
CA PRO B 108 -3.57 -19.68 -0.57
C PRO B 108 -2.79 -18.98 -1.70
N ILE B 109 -3.50 -18.56 -2.74
CA ILE B 109 -2.91 -17.71 -3.77
C ILE B 109 -3.81 -16.55 -3.97
N GLU B 110 -3.33 -15.37 -3.58
CA GLU B 110 -4.17 -14.18 -3.50
C GLU B 110 -4.69 -13.84 -4.90
N ALA B 111 -5.97 -13.55 -5.01
CA ALA B 111 -6.60 -13.43 -6.33
C ALA B 111 -6.03 -12.30 -7.10
N GLY B 112 -5.59 -11.27 -6.41
CA GLY B 112 -5.09 -10.11 -7.12
C GLY B 112 -3.63 -10.20 -7.53
N LEU B 113 -2.95 -11.32 -7.25
CA LEU B 113 -1.53 -11.43 -7.66
C LEU B 113 -1.44 -11.41 -9.15
N PRO B 114 -0.36 -10.84 -9.69
CA PRO B 114 -0.10 -10.88 -11.15
C PRO B 114 0.01 -12.30 -11.64
N ASN B 115 -0.41 -12.54 -12.88
CA ASN B 115 -0.46 -13.87 -13.43
C ASN B 115 0.86 -14.62 -13.35
N ASP B 116 1.96 -13.95 -13.55
CA ASP B 116 3.25 -14.67 -13.51
C ASP B 116 3.53 -15.20 -12.11
N ARG B 117 3.16 -14.43 -11.08
CA ARG B 117 3.44 -14.84 -9.73
C ARG B 117 2.46 -15.98 -9.30
N LYS B 118 1.23 -15.96 -9.79
CA LYS B 118 0.34 -17.07 -9.53
C LYS B 118 1.00 -18.29 -10.16
N SER B 119 1.54 -18.16 -11.35
CA SER B 119 2.03 -19.34 -12.10
C SER B 119 3.20 -19.99 -11.38
N PHE B 120 4.14 -19.16 -10.97
CA PHE B 120 5.18 -19.57 -10.08
C PHE B 120 4.74 -20.38 -8.81
N LEU B 121 3.70 -19.90 -8.13
CA LEU B 121 3.29 -20.51 -6.89
C LEU B 121 2.68 -21.91 -7.16
N LEU B 122 1.85 -22.03 -8.19
CA LEU B 122 1.29 -23.29 -8.62
C LEU B 122 2.39 -24.29 -8.94
N ARG B 123 3.42 -23.81 -9.60
CA ARG B 123 4.47 -24.69 -10.08
C ARG B 123 5.38 -25.06 -8.91
N ASP B 124 5.77 -24.09 -8.09
CA ASP B 124 6.73 -24.37 -7.04
C ASP B 124 6.09 -25.30 -5.97
N SER B 125 4.79 -25.09 -5.71
CA SER B 125 4.07 -25.93 -4.74
C SER B 125 3.68 -27.31 -5.28
N ARG B 126 3.82 -27.54 -6.57
CA ARG B 126 3.26 -28.73 -7.20
C ARG B 126 1.76 -28.94 -6.88
N ALA B 127 1.00 -27.85 -6.91
CA ALA B 127 -0.44 -27.90 -6.71
C ALA B 127 -1.06 -28.99 -7.57
N ALA B 128 -1.87 -29.86 -6.93
CA ALA B 128 -2.53 -31.00 -7.57
C ALA B 128 -3.95 -30.62 -7.93
N MSE B 129 -4.45 -29.55 -7.38
CA MSE B 129 -5.81 -29.15 -7.61
C MSE B 129 -5.89 -27.67 -7.21
O MSE B 129 -5.04 -27.20 -6.48
CB MSE B 129 -6.76 -30.03 -6.76
CG MSE B 129 -8.16 -29.52 -6.67
SE MSE B 129 -9.32 -30.84 -5.68
CE MSE B 129 -9.60 -32.20 -7.05
N ALA B 130 -6.85 -26.95 -7.74
CA ALA B 130 -7.01 -25.56 -7.41
C ALA B 130 -8.50 -25.22 -7.42
N PHE B 131 -8.95 -24.50 -6.40
CA PHE B 131 -10.29 -23.96 -6.38
C PHE B 131 -10.20 -22.46 -6.73
N VAL B 132 -10.93 -22.03 -7.74
CA VAL B 132 -10.82 -20.67 -8.22
C VAL B 132 -12.21 -20.19 -8.56
N CYS B 133 -12.34 -18.89 -8.78
CA CYS B 133 -13.56 -18.29 -9.35
C CYS B 133 -13.20 -16.98 -10.01
N ASP B 134 -14.17 -16.38 -10.69
CA ASP B 134 -14.01 -15.03 -11.22
C ASP B 134 -12.82 -14.83 -12.18
N ASN B 135 -12.51 -15.82 -13.02
CA ASN B 135 -11.31 -15.64 -13.83
C ASN B 135 -10.06 -15.18 -13.02
N ASN B 136 -9.93 -15.57 -11.76
CA ASN B 136 -8.68 -15.36 -11.03
C ASN B 136 -7.50 -16.09 -11.63
N PHE B 137 -7.78 -17.10 -12.42
CA PHE B 137 -6.72 -17.87 -13.04
C PHE B 137 -6.65 -17.58 -14.56
N ASP B 138 -7.50 -16.67 -15.05
CA ASP B 138 -7.43 -16.25 -16.45
C ASP B 138 -6.06 -15.68 -16.75
N GLY B 139 -5.33 -16.35 -17.62
CA GLY B 139 -4.03 -15.85 -18.05
C GLY B 139 -2.91 -16.37 -17.19
N VAL B 140 -3.25 -17.35 -16.38
CA VAL B 140 -2.29 -18.02 -15.53
C VAL B 140 -1.92 -19.32 -16.23
N GLU B 141 -0.63 -19.60 -16.36
CA GLU B 141 -0.20 -20.88 -16.90
C GLU B 141 -0.39 -21.92 -15.83
N LEU B 142 -1.23 -22.91 -16.11
CA LEU B 142 -1.49 -23.98 -15.14
C LEU B 142 -0.50 -25.08 -15.33
N PRO B 143 0.07 -25.61 -14.23
CA PRO B 143 0.82 -26.84 -14.43
C PRO B 143 -0.11 -27.93 -14.95
N PRO B 144 0.41 -28.85 -15.75
CA PRO B 144 -0.47 -29.90 -16.27
C PRO B 144 -1.08 -30.68 -15.14
N GLU B 145 -0.37 -30.86 -14.03
CA GLU B 145 -0.91 -31.60 -12.85
C GLU B 145 -2.13 -30.93 -12.14
N THR B 146 -2.33 -29.63 -12.33
CA THR B 146 -3.38 -28.93 -11.61
C THR B 146 -4.78 -29.15 -12.21
N LYS B 147 -5.63 -29.84 -11.46
CA LYS B 147 -7.06 -29.95 -11.76
C LYS B 147 -7.85 -28.74 -11.16
N VAL B 148 -8.51 -27.96 -12.02
CA VAL B 148 -9.01 -26.64 -11.64
C VAL B 148 -10.52 -26.65 -11.47
N LEU B 149 -11.01 -26.34 -10.29
CA LEU B 149 -12.45 -26.31 -10.00
C LEU B 149 -12.94 -24.86 -9.82
N ASP B 150 -14.01 -24.50 -10.53
CA ASP B 150 -14.57 -23.16 -10.51
C ASP B 150 -15.72 -23.11 -9.51
N THR B 151 -15.52 -22.46 -8.38
CA THR B 151 -16.55 -22.53 -7.32
C THR B 151 -17.88 -21.91 -7.67
N LYS B 152 -17.97 -21.23 -8.81
CA LYS B 152 -19.25 -20.66 -9.20
C LYS B 152 -19.88 -21.35 -10.39
N ASN B 153 -19.26 -22.40 -10.85
CA ASN B 153 -19.74 -23.17 -11.97
C ASN B 153 -20.88 -24.08 -11.50
N GLN B 154 -22.01 -24.04 -12.20
CA GLN B 154 -23.20 -24.84 -11.83
C GLN B 154 -22.85 -26.33 -11.68
N SER B 155 -21.97 -26.84 -12.54
CA SER B 155 -21.56 -28.24 -12.47
C SER B 155 -20.82 -28.56 -11.16
N PHE B 156 -19.91 -27.69 -10.74
CA PHE B 156 -19.16 -27.91 -9.51
C PHE B 156 -20.10 -27.86 -8.33
N ILE B 157 -21.07 -26.97 -8.38
CA ILE B 157 -21.94 -26.79 -7.21
C ILE B 157 -22.88 -27.96 -7.05
N GLU B 158 -23.27 -28.59 -8.16
CA GLU B 158 -24.13 -29.78 -8.13
C GLU B 158 -23.36 -30.97 -7.62
N ASN B 159 -22.17 -31.20 -8.15
CA ASN B 159 -21.38 -32.32 -7.69
C ASN B 159 -21.14 -32.18 -6.16
N LEU B 160 -20.81 -30.97 -5.70
CA LEU B 160 -20.41 -30.80 -4.31
C LEU B 160 -21.58 -31.17 -3.38
N SER B 161 -22.78 -30.74 -3.78
CA SER B 161 -23.99 -30.92 -2.99
C SER B 161 -24.37 -32.40 -2.87
N THR B 162 -23.68 -33.22 -3.62
CA THR B 162 -23.97 -34.63 -3.83
C THR B 162 -23.05 -35.47 -2.95
N GLN B 163 -22.00 -34.83 -2.42
CA GLN B 163 -21.08 -35.53 -1.52
C GLN B 163 -21.67 -35.82 -0.13
N ASP B 164 -21.05 -36.79 0.53
CA ASP B 164 -21.38 -37.14 1.90
C ASP B 164 -21.06 -35.99 2.88
N THR B 165 -21.85 -35.85 3.96
CA THR B 165 -21.65 -34.72 4.88
C THR B 165 -21.07 -35.10 6.27
N SER B 166 -20.75 -36.36 6.48
CA SER B 166 -20.27 -36.77 7.81
C SER B 166 -18.85 -36.33 7.97
N ASP B 167 -18.42 -36.17 9.23
CA ASP B 167 -17.02 -35.88 9.51
C ASP B 167 -16.09 -36.96 8.95
N ILE B 168 -15.03 -36.50 8.29
CA ILE B 168 -14.02 -37.36 7.76
C ILE B 168 -13.27 -37.96 8.92
N LEU B 169 -13.01 -39.26 8.86
CA LEU B 169 -12.11 -39.85 9.84
C LEU B 169 -10.68 -39.29 9.66
N ASN B 170 -10.28 -38.55 10.69
CA ASN B 170 -9.25 -37.55 10.63
C ASN B 170 -8.00 -38.04 11.36
N ASN B 171 -7.35 -39.07 10.85
CA ASN B 171 -6.24 -39.66 11.58
C ASN B 171 -4.87 -39.50 10.90
N TYR B 172 -4.44 -38.26 10.69
CA TYR B 172 -3.25 -38.01 9.90
C TYR B 172 -2.08 -37.76 10.85
N PRO B 173 -0.85 -37.97 10.38
CA PRO B 173 0.28 -37.71 11.27
C PRO B 173 0.33 -36.26 11.74
N GLU B 174 0.90 -36.03 12.90
CA GLU B 174 0.94 -34.69 13.48
C GLU B 174 1.77 -33.74 12.62
N ASN B 175 2.82 -34.24 11.99
CA ASN B 175 3.70 -33.34 11.30
C ASN B 175 3.32 -33.25 9.83
N LEU B 176 2.21 -33.83 9.44
CA LEU B 176 1.72 -33.62 8.06
C LEU B 176 1.45 -32.13 7.81
N ASP B 177 1.86 -31.59 6.66
CA ASP B 177 1.58 -30.13 6.40
C ASP B 177 0.07 -29.83 6.41
N ALA B 178 -0.34 -28.68 6.97
CA ALA B 178 -1.69 -28.20 6.91
C ALA B 178 -1.79 -27.03 5.93
N TYR B 179 -0.79 -26.16 5.90
CA TYR B 179 -0.78 -25.15 4.88
C TYR B 179 0.64 -24.78 4.45
N LEU B 180 0.72 -24.11 3.34
CA LEU B 180 2.04 -23.73 2.79
C LEU B 180 1.91 -22.24 2.49
N LEU B 181 2.70 -21.42 3.14
CA LEU B 181 2.49 -19.98 3.01
C LEU B 181 3.77 -19.35 2.51
N TYR B 182 3.68 -18.66 1.37
CA TYR B 182 4.86 -18.12 0.71
C TYR B 182 5.29 -16.78 1.29
N THR B 183 6.59 -16.66 1.52
CA THR B 183 7.14 -15.41 2.06
C THR B 183 8.37 -15.01 1.23
N SER B 184 8.71 -13.74 1.23
CA SER B 184 9.83 -13.32 0.31
C SER B 184 11.21 -13.80 0.80
N GLY B 185 12.09 -14.11 -0.15
CA GLY B 185 13.40 -14.69 0.16
C GLY B 185 14.57 -13.94 -0.47
N GLY B 188 14.62 -12.42 -4.30
CA GLY B 188 13.39 -12.05 -4.99
C GLY B 188 12.49 -13.25 -5.25
N THR B 189 13.00 -14.46 -5.02
CA THR B 189 12.17 -15.64 -5.22
C THR B 189 11.48 -15.98 -3.90
N PRO B 190 10.15 -16.00 -3.90
CA PRO B 190 9.46 -16.34 -2.64
C PRO B 190 9.79 -17.78 -2.18
N LYS B 191 9.81 -18.01 -0.87
CA LYS B 191 9.99 -19.33 -0.29
C LYS B 191 8.77 -19.81 0.51
N GLY B 192 8.40 -21.06 0.28
CA GLY B 192 7.18 -21.60 0.92
C GLY B 192 7.47 -22.13 2.32
N VAL B 193 6.65 -21.72 3.30
CA VAL B 193 6.83 -22.16 4.64
C VAL B 193 5.79 -23.25 4.90
N ARG B 194 6.26 -24.42 5.30
CA ARG B 194 5.41 -25.60 5.48
C ARG B 194 4.92 -25.62 6.94
N VAL B 195 3.65 -25.46 7.13
CA VAL B 195 3.17 -25.39 8.48
C VAL B 195 2.34 -26.60 8.76
N SER B 196 2.61 -27.27 9.88
CA SER B 196 1.99 -28.56 10.09
C SER B 196 0.63 -28.48 10.75
N ARG B 197 -0.07 -29.60 10.74
CA ARG B 197 -1.32 -29.78 11.50
C ARG B 197 -1.06 -29.55 12.95
N HIS B 198 0.03 -30.12 13.46
CA HIS B 198 0.36 -29.93 14.85
C HIS B 198 0.62 -28.46 15.20
N ASN B 199 1.32 -27.74 14.32
CA ASN B 199 1.54 -26.31 14.48
C ASN B 199 0.23 -25.54 14.60
N LEU B 200 -0.67 -25.76 13.66
CA LEU B 200 -1.87 -24.94 13.59
C LEU B 200 -2.74 -25.25 14.82
N SER B 201 -2.82 -26.51 15.20
CA SER B 201 -3.74 -26.83 16.21
C SER B 201 -3.12 -26.39 17.56
N SER B 202 -1.79 -26.41 17.70
CA SER B 202 -1.15 -25.83 18.88
C SER B 202 -1.36 -24.29 18.95
N PHE B 203 -1.38 -23.64 17.79
CA PHE B 203 -1.68 -22.25 17.70
C PHE B 203 -3.06 -21.97 18.33
N SER B 204 -4.05 -22.71 17.89
CA SER B 204 -5.40 -22.46 18.37
C SER B 204 -5.51 -22.69 19.88
N ASP B 205 -4.76 -23.65 20.37
CA ASP B 205 -4.84 -24.03 21.75
C ASP B 205 -4.17 -22.96 22.57
N ALA B 206 -3.02 -22.51 22.10
CA ALA B 206 -2.22 -21.57 22.83
C ALA B 206 -2.96 -20.20 22.86
N TRP B 207 -3.55 -19.82 21.74
CA TRP B 207 -4.22 -18.52 21.67
C TRP B 207 -5.59 -18.63 22.31
N GLY B 208 -6.22 -19.79 22.32
CA GLY B 208 -7.46 -19.98 23.10
C GLY B 208 -7.23 -19.63 24.58
N LYS B 209 -6.10 -20.09 25.08
CA LYS B 209 -5.74 -19.79 26.43
C LYS B 209 -5.36 -18.32 26.65
N LEU B 210 -4.57 -17.74 25.72
CA LEU B 210 -4.11 -16.39 25.97
C LEU B 210 -5.28 -15.40 25.95
N ILE B 211 -6.10 -15.51 24.92
CA ILE B 211 -7.20 -14.57 24.70
C ILE B 211 -8.26 -14.76 25.78
N GLY B 212 -8.56 -16.03 26.14
CA GLY B 212 -9.51 -16.27 27.22
C GLY B 212 -9.06 -15.62 28.53
N ASN B 213 -7.75 -15.60 28.77
CA ASN B 213 -7.19 -14.97 29.94
C ASN B 213 -7.23 -13.42 29.88
N VAL B 214 -6.78 -12.79 28.77
CA VAL B 214 -6.66 -11.33 28.78
C VAL B 214 -8.01 -10.71 28.43
N ALA B 215 -8.91 -11.46 27.78
CA ALA B 215 -10.22 -10.91 27.42
C ALA B 215 -11.31 -11.92 27.79
N PRO B 216 -11.58 -12.04 29.10
CA PRO B 216 -12.47 -13.04 29.69
C PRO B 216 -13.85 -13.01 29.05
N LYS B 217 -14.29 -11.85 28.62
CA LYS B 217 -15.61 -11.80 28.00
C LYS B 217 -15.69 -12.77 26.82
N SER B 218 -14.53 -13.03 26.20
CA SER B 218 -14.41 -14.02 25.10
C SER B 218 -15.10 -15.37 25.42
N LEU B 219 -14.99 -15.83 26.65
CA LEU B 219 -15.65 -17.10 27.07
C LEU B 219 -17.18 -17.05 27.18
N GLU B 220 -17.72 -15.83 27.18
CA GLU B 220 -19.17 -15.54 27.20
C GLU B 220 -19.74 -15.28 25.82
N LEU B 221 -18.87 -15.15 24.81
CA LEU B 221 -19.32 -14.72 23.50
C LEU B 221 -19.62 -15.84 22.49
N GLY B 222 -19.53 -17.09 22.91
CA GLY B 222 -19.85 -18.21 22.02
C GLY B 222 -21.25 -17.98 21.50
N GLY B 223 -21.41 -18.07 20.19
CA GLY B 223 -22.70 -17.85 19.55
C GLY B 223 -23.15 -16.39 19.35
N VAL B 224 -22.35 -15.45 19.85
CA VAL B 224 -22.65 -14.02 19.72
C VAL B 224 -21.54 -13.11 19.10
N GLY B 225 -20.29 -13.31 19.54
CA GLY B 225 -19.20 -12.48 19.04
C GLY B 225 -18.78 -12.78 17.60
N LYS B 226 -17.87 -11.95 17.12
CA LYS B 226 -17.39 -12.09 15.76
C LYS B 226 -15.93 -11.67 15.69
N PHE B 227 -15.16 -12.42 14.92
CA PHE B 227 -13.77 -12.10 14.72
C PHE B 227 -13.68 -11.60 13.30
N LEU B 228 -13.22 -10.37 13.16
CA LEU B 228 -13.13 -9.77 11.85
C LEU B 228 -11.95 -10.43 11.11
N CYS B 229 -12.22 -10.95 9.91
CA CYS B 229 -11.15 -11.51 9.08
C CYS B 229 -10.69 -10.39 8.10
N LEU B 230 -9.68 -9.66 8.53
CA LEU B 230 -9.34 -8.45 7.83
C LEU B 230 -8.09 -8.65 6.96
N ALA B 231 -7.22 -9.56 7.39
CA ALA B 231 -5.90 -9.78 6.76
C ALA B 231 -6.01 -10.24 5.31
N SER B 232 -5.11 -9.72 4.46
CA SER B 232 -4.93 -10.24 3.11
C SER B 232 -4.63 -11.78 3.16
N ARG B 233 -5.08 -12.51 2.16
CA ARG B 233 -4.70 -13.93 2.11
C ARG B 233 -3.25 -14.20 1.78
N ALA B 234 -2.49 -13.14 1.52
CA ALA B 234 -1.06 -13.26 1.32
C ALA B 234 -0.36 -13.57 2.65
N PHE B 235 -0.99 -13.32 3.79
CA PHE B 235 -0.32 -13.49 5.09
C PHE B 235 -1.00 -14.57 5.95
N ASP B 236 -0.22 -15.19 6.83
CA ASP B 236 -0.74 -16.30 7.64
C ASP B 236 -1.77 -15.81 8.62
N VAL B 237 -1.77 -14.50 8.86
CA VAL B 237 -2.73 -13.92 9.73
C VAL B 237 -4.14 -14.26 9.31
N HIS B 238 -4.38 -14.36 8.00
CA HIS B 238 -5.75 -14.63 7.63
C HIS B 238 -6.18 -16.04 8.18
N ILE B 239 -5.25 -16.98 8.27
CA ILE B 239 -5.63 -18.33 8.77
C ILE B 239 -5.88 -18.23 10.27
N GLY B 240 -5.01 -17.51 10.96
CA GLY B 240 -5.19 -17.28 12.39
C GLY B 240 -6.53 -16.66 12.75
N GLU B 241 -6.98 -15.68 11.97
CA GLU B 241 -8.25 -15.02 12.30
C GLU B 241 -9.39 -16.06 12.25
N MSE B 242 -9.45 -16.85 11.17
CA MSE B 242 -10.64 -17.71 11.07
C MSE B 242 -10.61 -18.82 12.15
O MSE B 242 -11.65 -19.09 12.80
CB MSE B 242 -10.87 -18.27 9.66
CG MSE B 242 -9.84 -19.23 9.26
SE MSE B 242 -9.94 -19.76 7.38
CE MSE B 242 -9.67 -17.94 6.56
N PHE B 243 -9.45 -19.43 12.38
CA PHE B 243 -9.39 -20.55 13.34
C PHE B 243 -9.59 -20.04 14.80
N LEU B 244 -9.16 -18.81 15.10
CA LEU B 244 -9.45 -18.23 16.42
C LEU B 244 -10.95 -17.92 16.59
N ALA B 245 -11.61 -17.42 15.54
CA ALA B 245 -13.05 -17.29 15.60
C ALA B 245 -13.67 -18.65 16.00
N TRP B 246 -13.29 -19.71 15.30
CA TRP B 246 -13.94 -21.01 15.54
C TRP B 246 -13.57 -21.55 16.91
N ARG B 247 -12.35 -21.27 17.36
CA ARG B 247 -11.92 -21.72 18.68
C ARG B 247 -12.91 -21.29 19.78
N PHE B 248 -13.42 -20.07 19.68
CA PHE B 248 -14.25 -19.47 20.72
C PHE B 248 -15.72 -19.57 20.40
N GLY B 249 -16.06 -20.20 19.27
CA GLY B 249 -17.48 -20.31 18.93
C GLY B 249 -18.05 -19.02 18.31
N LEU B 250 -17.14 -18.16 17.81
CA LEU B 250 -17.56 -16.87 17.24
C LEU B 250 -17.92 -17.06 15.80
N CYS B 251 -18.37 -15.97 15.18
CA CYS B 251 -18.59 -15.96 13.74
C CYS B 251 -17.39 -15.32 13.07
N ALA B 252 -16.74 -16.04 12.15
CA ALA B 252 -15.71 -15.37 11.28
C ALA B 252 -16.38 -14.45 10.26
N VAL B 253 -16.14 -13.14 10.34
CA VAL B 253 -16.83 -12.28 9.43
C VAL B 253 -15.84 -11.50 8.51
N THR B 254 -16.20 -11.39 7.24
CA THR B 254 -15.29 -10.87 6.28
C THR B 254 -16.05 -10.27 5.12
N GLY B 255 -15.30 -9.66 4.22
CA GLY B 255 -15.88 -9.03 3.05
C GLY B 255 -14.73 -8.69 2.12
N GLU B 256 -15.03 -8.18 0.94
CA GLU B 256 -13.94 -7.64 0.10
C GLU B 256 -13.03 -6.64 0.86
N ARG B 257 -11.72 -6.80 0.78
CA ARG B 257 -10.87 -5.98 1.62
C ARG B 257 -11.03 -4.45 1.29
N LEU B 258 -11.09 -4.06 0.04
CA LEU B 258 -11.22 -2.67 -0.30
C LEU B 258 -12.49 -2.15 0.32
N SER B 259 -13.55 -2.94 0.32
CA SER B 259 -14.79 -2.49 0.94
C SER B 259 -14.67 -2.37 2.49
N MSE B 260 -14.07 -3.33 3.16
CA MSE B 260 -13.95 -3.26 4.64
C MSE B 260 -13.04 -2.11 5.04
O MSE B 260 -13.22 -1.50 6.10
CB MSE B 260 -13.33 -4.55 5.24
CG MSE B 260 -14.15 -5.88 5.03
SE MSE B 260 -13.20 -7.37 6.03
CE MSE B 260 -11.64 -7.73 4.85
N LEU B 261 -12.01 -1.85 4.23
CA LEU B 261 -11.01 -0.87 4.63
C LEU B 261 -11.47 0.55 4.26
N ASP B 262 -12.51 0.65 3.44
CA ASP B 262 -12.94 1.97 2.97
C ASP B 262 -13.33 2.89 4.14
N ASP B 263 -14.15 2.37 5.02
CA ASP B 263 -14.57 3.06 6.21
C ASP B 263 -14.41 2.10 7.38
N LEU B 264 -13.20 2.08 7.95
CA LEU B 264 -12.86 1.12 8.98
C LEU B 264 -13.82 1.23 10.19
N PRO B 265 -14.14 2.45 10.69
CA PRO B 265 -15.18 2.51 11.72
C PRO B 265 -16.50 1.87 11.37
N ARG B 266 -17.03 2.11 10.18
CA ARG B 266 -18.30 1.48 9.82
C ARG B 266 -18.19 -0.05 9.87
N THR B 267 -17.06 -0.57 9.44
CA THR B 267 -16.83 -2.04 9.44
C THR B 267 -16.95 -2.62 10.89
N PHE B 268 -16.21 -2.03 11.83
CA PHE B 268 -16.22 -2.48 13.20
C PHE B 268 -17.58 -2.31 13.87
N ARG B 269 -18.16 -1.13 13.68
CA ARG B 269 -19.48 -0.82 14.17
C ARG B 269 -20.62 -1.69 13.63
N GLU B 270 -20.79 -1.74 12.33
CA GLU B 270 -22.00 -2.36 11.76
C GLU B 270 -21.93 -3.86 11.73
N LEU B 271 -20.73 -4.46 11.85
CA LEU B 271 -20.62 -5.94 11.67
C LEU B 271 -20.64 -6.65 13.06
N GLY B 272 -20.75 -5.86 14.12
CA GLY B 272 -20.75 -6.39 15.49
C GLY B 272 -19.46 -7.06 15.93
N VAL B 273 -18.31 -6.50 15.55
CA VAL B 273 -17.03 -7.15 15.77
C VAL B 273 -16.58 -7.10 17.22
N THR B 274 -16.26 -8.24 17.79
CA THR B 274 -15.76 -8.30 19.14
C THR B 274 -14.30 -8.62 19.25
N HIS B 275 -13.72 -9.22 18.22
CA HIS B 275 -12.28 -9.56 18.23
C HIS B 275 -11.64 -9.14 16.90
N ALA B 276 -10.41 -8.64 16.95
CA ALA B 276 -9.75 -8.32 15.69
C ALA B 276 -8.27 -8.25 15.87
N GLY B 277 -7.55 -8.27 14.75
CA GLY B 277 -6.11 -8.06 14.75
C GLY B 277 -5.81 -7.05 13.64
N ILE B 278 -4.83 -6.17 13.83
CA ILE B 278 -4.62 -5.11 12.83
C ILE B 278 -3.21 -4.64 12.93
N VAL B 279 -2.61 -4.13 11.85
CA VAL B 279 -1.35 -3.45 12.08
C VAL B 279 -1.64 -2.07 12.61
N PRO B 280 -0.82 -1.61 13.56
CA PRO B 280 -1.31 -0.46 14.33
C PRO B 280 -1.38 0.86 13.53
N SER B 281 -0.56 0.97 12.49
CA SER B 281 -0.53 2.21 11.71
C SER B 281 -1.90 2.38 11.04
N LEU B 282 -2.63 1.29 10.82
CA LEU B 282 -3.95 1.40 10.23
C LEU B 282 -4.91 2.08 11.23
N LEU B 283 -4.62 1.92 12.51
CA LEU B 283 -5.38 2.61 13.54
C LEU B 283 -5.03 4.10 13.45
N ASP B 284 -3.76 4.41 13.36
CA ASP B 284 -3.31 5.80 13.20
C ASP B 284 -4.01 6.42 11.98
N GLN B 285 -3.96 5.75 10.82
CA GLN B 285 -4.37 6.39 9.60
C GLN B 285 -5.83 6.71 9.66
N THR B 286 -6.60 5.75 10.12
CA THR B 286 -8.06 5.92 10.15
C THR B 286 -8.59 6.68 11.36
N GLY B 287 -7.74 6.90 12.36
CA GLY B 287 -8.16 7.63 13.56
C GLY B 287 -9.13 6.78 14.38
N LEU B 288 -9.08 5.48 14.20
CA LEU B 288 -9.99 4.61 14.92
C LEU B 288 -9.79 4.80 16.45
N VAL B 289 -10.88 4.80 17.20
CA VAL B 289 -10.80 4.84 18.66
C VAL B 289 -11.77 3.78 19.21
N PRO B 290 -11.60 3.37 20.48
CA PRO B 290 -12.53 2.32 20.99
C PRO B 290 -14.02 2.62 20.80
N GLU B 291 -14.45 3.88 20.77
CA GLU B 291 -15.87 4.13 20.55
C GLU B 291 -16.35 3.86 19.09
N ASP B 292 -15.43 3.77 18.13
CA ASP B 292 -15.76 3.30 16.78
C ASP B 292 -16.10 1.78 16.77
N ALA B 293 -15.69 1.05 17.81
CA ALA B 293 -15.80 -0.43 17.83
C ALA B 293 -16.53 -0.83 19.12
N PRO B 294 -17.82 -0.45 19.18
CA PRO B 294 -18.48 -0.55 20.49
C PRO B 294 -18.51 -1.97 21.04
N HIS B 295 -18.42 -3.00 20.21
CA HIS B 295 -18.54 -4.38 20.77
C HIS B 295 -17.20 -5.04 21.03
N LEU B 296 -16.14 -4.34 20.65
CA LEU B 296 -14.80 -4.92 20.65
C LEU B 296 -14.33 -5.26 22.08
N VAL B 297 -13.79 -6.47 22.31
CA VAL B 297 -13.19 -6.78 23.60
C VAL B 297 -11.71 -7.14 23.48
N TYR B 298 -11.23 -7.40 22.27
CA TYR B 298 -9.88 -7.87 22.13
C TYR B 298 -9.31 -7.29 20.83
N LEU B 299 -8.11 -6.74 20.89
CA LEU B 299 -7.48 -6.16 19.66
C LEU B 299 -6.02 -6.56 19.64
N GLY B 300 -5.67 -7.50 18.75
CA GLY B 300 -4.26 -7.84 18.59
C GLY B 300 -3.62 -6.82 17.62
N VAL B 301 -2.41 -6.36 17.90
CA VAL B 301 -1.68 -5.55 16.91
C VAL B 301 -0.32 -6.18 16.74
N GLY B 302 0.33 -5.94 15.59
CA GLY B 302 1.68 -6.45 15.43
C GLY B 302 2.24 -6.05 14.08
N GLY B 303 3.49 -6.40 13.80
CA GLY B 303 4.01 -6.32 12.44
C GLY B 303 4.80 -5.02 12.35
N GLU B 304 4.58 -4.16 13.30
CA GLU B 304 5.39 -2.95 13.41
C GLU B 304 5.14 -2.32 14.77
N LYS B 305 6.03 -1.44 15.19
CA LYS B 305 5.88 -0.78 16.47
C LYS B 305 4.73 0.22 16.43
N MSE B 306 3.94 0.33 17.49
CA MSE B 306 2.84 1.27 17.45
C MSE B 306 3.33 2.67 17.88
O MSE B 306 4.33 2.81 18.59
CB MSE B 306 1.68 0.79 18.33
CG MSE B 306 1.89 1.05 19.78
SE MSE B 306 0.46 0.21 20.89
CE MSE B 306 1.15 -1.65 20.81
N THR B 307 2.64 3.71 17.47
CA THR B 307 3.05 5.05 17.84
C THR B 307 2.61 5.36 19.24
N PRO B 308 3.28 6.33 19.89
CA PRO B 308 2.90 6.74 21.24
C PRO B 308 1.44 7.06 21.37
N ARG B 309 0.89 7.75 20.39
CA ARG B 309 -0.51 8.15 20.50
C ARG B 309 -1.48 6.97 20.37
N THR B 310 -1.17 6.03 19.48
CA THR B 310 -1.97 4.80 19.38
C THR B 310 -2.03 4.10 20.73
N GLN B 311 -0.87 3.88 21.35
CA GLN B 311 -0.83 3.36 22.72
C GLN B 311 -1.74 4.12 23.68
N GLN B 312 -1.64 5.46 23.66
CA GLN B 312 -2.33 6.26 24.67
C GLN B 312 -3.80 6.02 24.45
N ILE B 313 -4.20 6.00 23.18
CA ILE B 313 -5.63 5.84 22.88
C ILE B 313 -6.20 4.44 23.15
N TRP B 314 -5.45 3.39 22.83
CA TRP B 314 -5.99 2.04 22.84
C TRP B 314 -5.60 1.17 24.03
N SER B 315 -4.57 1.54 24.79
CA SER B 315 -4.04 0.65 25.83
C SER B 315 -4.67 0.91 27.17
N SER B 316 -5.57 1.88 27.23
CA SER B 316 -6.10 2.31 28.54
C SER B 316 -7.59 2.07 28.64
N SER B 317 -8.14 1.20 27.82
CA SER B 317 -9.56 0.96 27.84
C SER B 317 -9.79 -0.14 28.88
N ASP B 318 -10.96 -0.15 29.52
CA ASP B 318 -11.25 -1.28 30.40
C ASP B 318 -12.23 -2.27 29.76
N ARG B 319 -12.58 -2.02 28.49
CA ARG B 319 -13.40 -2.92 27.69
C ARG B 319 -12.51 -3.73 26.69
N VAL B 320 -11.57 -3.04 26.05
CA VAL B 320 -10.70 -3.62 25.05
C VAL B 320 -9.35 -4.05 25.64
N ALA B 321 -8.99 -5.32 25.48
CA ALA B 321 -7.64 -5.76 25.75
C ALA B 321 -6.77 -5.57 24.48
N LEU B 322 -5.65 -4.89 24.63
CA LEU B 322 -4.75 -4.61 23.52
C LEU B 322 -3.50 -5.46 23.74
N VAL B 323 -3.13 -6.23 22.73
CA VAL B 323 -2.11 -7.26 22.81
C VAL B 323 -1.16 -7.09 21.65
N ASN B 324 0.12 -6.94 21.93
CA ASN B 324 1.13 -6.88 20.90
C ASN B 324 1.56 -8.28 20.55
N VAL B 325 1.67 -8.58 19.26
CA VAL B 325 1.86 -9.99 18.83
C VAL B 325 3.08 -10.10 17.92
N TYR B 326 3.98 -11.05 18.20
CA TYR B 326 5.17 -11.28 17.41
C TYR B 326 4.94 -12.61 16.69
N GLY B 327 5.09 -12.57 15.37
CA GLY B 327 4.70 -13.69 14.54
C GLY B 327 5.33 -13.82 13.16
N PRO B 328 6.58 -14.26 13.14
CA PRO B 328 7.17 -14.78 11.89
C PRO B 328 6.34 -15.96 11.34
N THR B 329 6.12 -16.02 10.04
CA THR B 329 5.41 -17.13 9.41
C THR B 329 5.97 -18.52 9.79
N GLU B 330 7.27 -18.57 9.92
CA GLU B 330 8.01 -19.79 10.33
C GLU B 330 7.73 -20.29 11.71
N VAL B 331 7.07 -19.50 12.54
CA VAL B 331 6.65 -19.96 13.87
C VAL B 331 5.13 -19.82 14.06
N THR B 332 4.40 -20.10 13.00
CA THR B 332 2.95 -20.25 13.05
C THR B 332 2.19 -19.05 13.64
N ILE B 333 2.22 -17.98 12.90
CA ILE B 333 1.28 -16.84 13.08
C ILE B 333 1.54 -15.93 14.24
N GLY B 334 1.67 -16.45 15.46
CA GLY B 334 1.93 -15.62 16.63
C GLY B 334 2.50 -16.53 17.68
N CYS B 335 3.80 -16.37 17.97
CA CYS B 335 4.41 -17.23 18.98
C CYS B 335 4.75 -16.53 20.27
N SER B 336 4.62 -15.20 20.31
CA SER B 336 4.87 -14.47 21.54
C SER B 336 3.87 -13.29 21.59
N ALA B 337 3.32 -12.97 22.76
CA ALA B 337 2.42 -11.82 22.82
C ALA B 337 2.38 -11.24 24.24
N GLY B 338 1.99 -9.98 24.39
CA GLY B 338 1.80 -9.46 25.73
C GLY B 338 0.79 -8.34 25.68
N ARG B 339 0.03 -8.19 26.76
CA ARG B 339 -0.89 -7.11 26.91
C ARG B 339 -0.06 -5.82 26.93
N ILE B 340 -0.59 -4.80 26.27
CA ILE B 340 0.04 -3.48 26.26
C ILE B 340 -0.78 -2.58 27.13
N LEU B 341 -0.13 -2.01 28.14
CA LEU B 341 -0.73 -1.00 29.01
C LEU B 341 -0.11 0.38 28.77
N PRO B 342 -0.70 1.41 29.40
CA PRO B 342 -0.21 2.76 29.11
C PRO B 342 1.26 2.97 29.41
N ASP B 343 1.80 2.27 30.41
CA ASP B 343 3.25 2.36 30.70
C ASP B 343 4.15 1.28 30.03
N SER B 344 3.57 0.40 29.20
CA SER B 344 4.37 -0.62 28.50
C SER B 344 5.35 0.00 27.49
N ASP B 345 6.54 -0.58 27.42
CA ASP B 345 7.47 -0.31 26.32
C ASP B 345 6.85 -0.85 24.99
N THR B 346 6.82 -0.06 23.91
CA THR B 346 6.12 -0.57 22.71
C THR B 346 6.93 -1.57 21.94
N ARG B 347 8.20 -1.75 22.30
CA ARG B 347 8.98 -2.86 21.70
C ARG B 347 8.76 -4.21 22.36
N CYS B 348 8.03 -4.25 23.47
CA CYS B 348 7.79 -5.48 24.20
C CYS B 348 6.89 -6.44 23.42
N ILE B 349 7.39 -7.63 23.11
CA ILE B 349 6.56 -8.60 22.43
C ILE B 349 6.05 -9.69 23.37
N GLY B 350 6.18 -9.48 24.67
CA GLY B 350 5.51 -10.31 25.66
C GLY B 350 6.24 -11.60 25.99
N HIS B 351 5.45 -12.65 26.15
CA HIS B 351 5.98 -13.97 26.55
C HIS B 351 5.64 -15.02 25.51
N PRO B 352 6.48 -16.04 25.38
CA PRO B 352 6.18 -17.10 24.41
C PRO B 352 4.83 -17.78 24.68
N LEU B 353 4.15 -18.23 23.62
CA LEU B 353 2.85 -18.84 23.80
C LEU B 353 2.92 -20.38 23.90
N GLY B 354 1.95 -20.94 24.59
CA GLY B 354 1.86 -22.40 24.69
C GLY B 354 3.13 -23.01 25.24
N ASP B 355 3.64 -24.05 24.57
CA ASP B 355 4.84 -24.70 25.10
C ASP B 355 6.12 -24.09 24.51
N SER B 356 6.00 -22.95 23.81
CA SER B 356 7.17 -22.40 23.10
C SER B 356 8.21 -22.04 24.11
N VAL B 357 9.47 -22.19 23.74
CA VAL B 357 10.54 -21.65 24.55
C VAL B 357 11.39 -20.65 23.76
N ALA B 358 11.58 -19.45 24.30
CA ALA B 358 12.47 -18.45 23.70
C ALA B 358 13.88 -18.58 24.26
N HIS B 359 14.89 -18.60 23.40
CA HIS B 359 16.28 -18.51 23.79
C HIS B 359 16.84 -17.26 23.17
N VAL B 360 17.76 -16.60 23.87
CA VAL B 360 18.55 -15.53 23.26
C VAL B 360 20.00 -16.01 23.14
N LEU B 361 20.49 -16.15 21.91
CA LEU B 361 21.80 -16.73 21.66
C LEU B 361 22.70 -15.71 21.04
N ALA B 362 24.00 -15.88 21.18
CA ALA B 362 24.95 -15.06 20.44
C ALA B 362 24.62 -15.23 18.97
N PRO B 363 24.57 -14.12 18.22
CA PRO B 363 24.23 -14.20 16.80
C PRO B 363 24.99 -15.30 16.03
N GLY B 364 26.23 -15.57 16.42
CA GLY B 364 27.06 -16.48 15.65
C GLY B 364 27.22 -17.89 16.22
N SER B 365 26.56 -18.19 17.34
CA SER B 365 26.80 -19.48 17.99
C SER B 365 25.52 -20.06 18.54
N ASN B 366 25.66 -21.08 19.38
CA ASN B 366 24.51 -21.63 20.09
C ASN B 366 24.57 -21.28 21.57
N GLU B 367 25.40 -20.31 21.92
CA GLU B 367 25.60 -19.94 23.31
C GLU B 367 24.54 -18.97 23.79
N HIS B 368 23.90 -19.29 24.92
CA HIS B 368 22.94 -18.39 25.55
C HIS B 368 23.66 -17.16 26.05
N VAL B 369 23.05 -15.97 25.93
CA VAL B 369 23.64 -14.77 26.53
C VAL B 369 23.10 -14.59 27.94
N LYS B 370 23.78 -13.78 28.75
CA LYS B 370 23.30 -13.51 30.09
C LYS B 370 21.99 -12.74 29.97
N LYS B 371 21.01 -13.12 30.77
CA LYS B 371 19.71 -12.47 30.71
C LYS B 371 19.88 -10.97 30.81
N GLY B 372 19.19 -10.24 29.96
CA GLY B 372 19.29 -8.79 29.93
C GLY B 372 20.18 -8.34 28.80
N MSE B 373 21.05 -9.23 28.32
CA MSE B 373 21.90 -8.89 27.20
C MSE B 373 21.12 -9.13 25.91
O MSE B 373 20.14 -9.89 25.87
CB MSE B 373 23.21 -9.72 27.20
CG MSE B 373 24.19 -9.36 28.33
SE MSE B 373 24.81 -7.47 28.35
CE MSE B 373 23.56 -6.72 29.64
N ALA B 374 21.57 -8.47 24.86
CA ALA B 374 20.97 -8.59 23.57
C ALA B 374 21.53 -9.83 22.87
N GLY B 375 20.70 -10.51 22.10
CA GLY B 375 21.13 -11.62 21.28
C GLY B 375 20.05 -12.01 20.29
N GLU B 376 20.30 -13.03 19.50
CA GLU B 376 19.31 -13.51 18.54
C GLU B 376 18.24 -14.37 19.20
N LEU B 377 16.97 -14.05 18.91
CA LEU B 377 15.84 -14.83 19.39
C LEU B 377 15.76 -16.15 18.62
N VAL B 378 15.71 -17.26 19.35
CA VAL B 378 15.62 -18.57 18.75
C VAL B 378 14.47 -19.28 19.41
N ILE B 379 13.51 -19.76 18.62
CA ILE B 379 12.29 -20.35 19.21
C ILE B 379 12.33 -21.86 19.09
N GLU B 380 11.84 -22.50 20.14
CA GLU B 380 11.71 -23.93 20.19
C GLU B 380 10.25 -24.28 20.57
N GLY B 381 9.73 -25.40 20.07
CA GLY B 381 8.45 -25.88 20.57
C GLY B 381 7.47 -26.16 19.45
N SER B 382 6.20 -26.36 19.83
CA SER B 382 5.16 -26.88 18.93
C SER B 382 4.71 -25.87 17.86
N LEU B 383 5.18 -24.63 17.93
CA LEU B 383 4.77 -23.66 16.90
C LEU B 383 5.84 -23.56 15.81
N VAL B 384 6.98 -24.20 16.01
CA VAL B 384 8.05 -24.13 14.99
C VAL B 384 7.63 -24.94 13.75
N ALA B 385 7.63 -24.30 12.57
CA ALA B 385 7.05 -24.88 11.36
C ALA B 385 7.94 -26.04 10.84
N ASN B 386 7.45 -26.82 9.88
CA ASN B 386 8.24 -27.98 9.39
C ASN B 386 9.53 -27.55 8.71
N GLY B 387 9.51 -26.45 7.94
CA GLY B 387 10.70 -25.95 7.29
C GLY B 387 10.30 -25.26 6.02
N TYR B 388 11.25 -24.81 5.24
CA TYR B 388 10.96 -24.24 3.95
C TYR B 388 10.84 -25.40 2.96
N LEU B 389 10.01 -25.23 1.91
CA LEU B 389 9.83 -26.25 0.87
C LEU B 389 10.97 -26.11 -0.23
N ASN B 390 11.87 -27.07 -0.30
CA ASN B 390 12.85 -27.15 -1.38
C ASN B 390 13.66 -25.84 -1.47
N ARG B 391 14.15 -25.38 -0.32
CA ARG B 391 15.08 -24.25 -0.31
C ARG B 391 16.25 -24.62 0.58
N PRO B 392 17.09 -25.56 0.14
CA PRO B 392 18.12 -26.10 1.03
C PRO B 392 19.10 -24.99 1.50
N ASP B 393 19.24 -23.92 0.73
CA ASP B 393 20.19 -22.88 1.13
C ASP B 393 19.62 -21.82 2.10
N ALA B 394 18.31 -21.81 2.28
CA ALA B 394 17.63 -20.87 3.18
C ALA B 394 17.75 -21.34 4.60
N LYS B 395 18.40 -20.56 5.45
CA LYS B 395 18.70 -21.00 6.80
C LYS B 395 17.63 -20.51 7.80
N GLY B 396 17.73 -20.97 9.04
CA GLY B 396 16.79 -20.59 10.09
C GLY B 396 16.32 -21.79 10.85
N PHE B 397 15.90 -22.83 10.14
CA PHE B 397 15.40 -24.01 10.81
C PHE B 397 16.62 -24.85 11.13
N CYS B 398 16.72 -25.41 12.32
CA CYS B 398 17.88 -26.23 12.62
C CYS B 398 17.66 -26.98 13.88
N ASP B 399 18.58 -27.90 14.16
CA ASP B 399 18.58 -28.63 15.40
C ASP B 399 19.66 -28.04 16.24
N ILE B 400 19.29 -27.74 17.47
CA ILE B 400 20.22 -27.15 18.44
C ILE B 400 20.07 -28.06 19.65
N ASN B 401 21.18 -28.68 20.06
CA ASN B 401 21.14 -29.72 21.09
C ASN B 401 20.06 -30.78 20.79
N GLY B 402 19.96 -31.23 19.54
CA GLY B 402 18.97 -32.23 19.18
C GLY B 402 17.50 -31.87 19.41
N ARG B 403 17.18 -30.57 19.43
CA ARG B 403 15.77 -30.15 19.43
C ARG B 403 15.51 -29.22 18.22
N LYS B 404 14.31 -29.32 17.67
CA LYS B 404 13.94 -28.54 16.50
C LYS B 404 13.70 -27.07 16.85
N MSE B 405 14.39 -26.16 16.19
CA MSE B 405 14.23 -24.73 16.53
C MSE B 405 14.19 -23.84 15.30
O MSE B 405 14.45 -24.28 14.19
CB MSE B 405 15.37 -24.27 17.44
CG MSE B 405 15.44 -25.06 18.76
SE MSE B 405 16.59 -24.23 20.11
CE MSE B 405 16.51 -25.67 21.42
N TYR B 406 13.88 -22.56 15.49
CA TYR B 406 13.95 -21.63 14.40
C TYR B 406 14.72 -20.40 14.90
N ARG B 407 15.80 -20.07 14.22
CA ARG B 407 16.56 -18.84 14.50
C ARG B 407 15.89 -17.74 13.74
N THR B 408 15.40 -16.71 14.43
CA THR B 408 14.51 -15.75 13.80
C THR B 408 15.27 -14.70 12.97
N GLY B 409 16.54 -14.49 13.24
CA GLY B 409 17.24 -13.35 12.66
C GLY B 409 16.91 -12.02 13.36
N ASP B 410 16.15 -12.07 14.47
CA ASP B 410 15.82 -10.86 15.22
C ASP B 410 16.68 -10.77 16.48
N ILE B 411 17.07 -9.57 16.84
CA ILE B 411 17.82 -9.31 18.04
C ILE B 411 16.85 -8.81 19.10
N VAL B 412 16.99 -9.36 20.29
CA VAL B 412 16.09 -9.06 21.40
C VAL B 412 16.90 -9.08 22.68
N ARG B 413 16.30 -8.58 23.74
CA ARG B 413 16.83 -8.75 25.06
C ARG B 413 15.66 -9.07 25.93
N MSE B 414 15.90 -9.80 26.99
CA MSE B 414 14.84 -10.06 27.93
C MSE B 414 14.81 -8.96 28.98
O MSE B 414 15.86 -8.50 29.44
CB MSE B 414 15.03 -11.44 28.52
CG MSE B 414 14.59 -12.50 27.54
SE MSE B 414 14.36 -14.19 28.40
CE MSE B 414 16.21 -14.83 28.37
N ASP B 415 13.63 -8.48 29.28
CA ASP B 415 13.37 -7.59 30.40
C ASP B 415 13.57 -8.36 31.71
N ALA B 416 13.56 -7.65 32.83
CA ALA B 416 13.79 -8.27 34.13
C ALA B 416 12.77 -9.38 34.40
N ASP B 417 11.53 -9.13 33.96
CA ASP B 417 10.41 -10.05 34.20
C ASP B 417 10.28 -11.16 33.15
N SER B 418 11.28 -11.28 32.28
CA SER B 418 11.30 -12.34 31.25
C SER B 418 10.45 -12.05 30.00
N SER B 419 9.78 -10.92 29.94
CA SER B 419 9.14 -10.55 28.70
C SER B 419 10.28 -10.12 27.71
N ILE B 420 10.01 -10.13 26.43
CA ILE B 420 11.07 -9.99 25.43
C ILE B 420 10.87 -8.65 24.73
N LEU B 421 11.96 -7.90 24.56
CA LEU B 421 11.95 -6.61 23.86
C LEU B 421 12.57 -6.82 22.50
N PHE B 422 11.86 -6.38 21.46
CA PHE B 422 12.37 -6.47 20.08
C PHE B 422 13.31 -5.31 19.79
N LEU B 423 14.55 -5.60 19.40
CA LEU B 423 15.54 -4.56 19.20
C LEU B 423 15.82 -4.23 17.73
N GLY B 424 15.71 -5.18 16.83
CA GLY B 424 16.02 -4.96 15.43
C GLY B 424 16.41 -6.24 14.71
N ARG B 425 16.92 -6.14 13.47
CA ARG B 425 17.30 -7.33 12.71
C ARG B 425 18.75 -7.62 12.94
N LYS B 426 19.13 -8.89 12.90
CA LYS B 426 20.53 -9.28 12.93
C LYS B 426 21.17 -8.85 11.61
N ASP B 427 22.41 -8.37 11.64
CA ASP B 427 23.16 -8.12 10.39
C ASP B 427 24.35 -9.07 10.25
N GLU B 428 24.66 -9.44 9.00
CA GLU B 428 25.71 -10.43 8.72
C GLU B 428 27.09 -9.94 9.07
N GLN B 429 27.91 -10.85 9.58
CA GLN B 429 29.30 -10.56 9.96
C GLN B 429 29.95 -9.68 8.89
N VAL B 430 30.89 -8.84 9.30
CA VAL B 430 31.47 -7.83 8.42
C VAL B 430 32.98 -7.65 8.63
N LYS B 431 33.77 -8.21 7.73
CA LYS B 431 35.22 -8.06 7.77
C LYS B 431 35.61 -6.59 7.60
N GLN B 435 39.82 -10.11 8.95
CA GLN B 435 39.26 -10.21 10.30
C GLN B 435 37.73 -10.07 10.24
N ARG B 436 37.04 -10.80 11.12
CA ARG B 436 35.56 -10.85 11.13
C ARG B 436 34.91 -10.05 12.24
N LEU B 437 33.81 -9.36 11.90
CA LEU B 437 33.10 -8.50 12.86
C LEU B 437 31.63 -8.87 13.07
N GLU B 438 31.20 -8.80 14.33
CA GLU B 438 29.78 -8.84 14.68
C GLU B 438 29.30 -7.42 15.06
N LEU B 439 28.67 -6.74 14.10
CA LEU B 439 28.25 -5.34 14.28
C LEU B 439 27.41 -5.12 15.55
N GLY B 440 26.46 -6.01 15.81
CA GLY B 440 25.58 -5.85 16.95
C GLY B 440 26.38 -5.89 18.23
N GLU B 441 27.46 -6.64 18.22
CA GLU B 441 28.37 -6.68 19.36
C GLU B 441 29.04 -5.31 19.64
N VAL B 442 29.51 -4.60 18.61
CA VAL B 442 30.05 -3.24 18.80
C VAL B 442 28.98 -2.30 19.40
N SER B 443 27.79 -2.27 18.78
CA SER B 443 26.65 -1.51 19.27
C SER B 443 26.30 -1.78 20.72
N GLU B 444 26.37 -3.05 21.14
CA GLU B 444 25.86 -3.43 22.46
C GLU B 444 26.84 -3.00 23.56
N VAL B 445 28.12 -3.03 23.23
CA VAL B 445 29.15 -2.43 24.08
C VAL B 445 29.08 -0.90 24.18
N ILE B 446 28.83 -0.22 23.07
CA ILE B 446 28.68 1.22 23.16
C ILE B 446 27.42 1.51 24.00
N ARG B 447 26.34 0.79 23.82
CA ARG B 447 25.17 1.02 24.66
C ARG B 447 25.53 0.76 26.12
N SER B 448 26.25 -0.33 26.39
CA SER B 448 26.60 -0.65 27.77
C SER B 448 27.50 0.42 28.43
N LEU B 449 28.52 0.91 27.74
CA LEU B 449 29.43 1.87 28.36
C LEU B 449 28.83 3.27 28.57
N SER B 450 27.87 3.67 27.77
CA SER B 450 27.37 5.03 27.87
C SER B 450 26.61 5.23 29.17
N PRO B 451 26.95 6.30 29.90
CA PRO B 451 26.23 6.67 31.12
C PRO B 451 24.77 7.08 30.89
N THR B 452 24.49 7.64 29.72
CA THR B 452 23.11 7.98 29.36
C THR B 452 22.46 6.87 28.51
N ASP B 453 21.16 6.66 28.68
CA ASP B 453 20.43 5.66 27.92
C ASP B 453 20.50 6.01 26.43
N ILE B 454 20.96 5.07 25.61
CA ILE B 454 21.07 5.31 24.16
C ILE B 454 20.69 4.07 23.34
N ASP B 455 20.23 4.30 22.14
CA ASP B 455 20.07 3.26 21.13
C ASP B 455 21.22 3.40 20.15
N VAL B 456 21.88 2.29 19.84
CA VAL B 456 23.03 2.29 18.97
C VAL B 456 22.85 1.42 17.72
N VAL B 457 23.40 1.87 16.61
CA VAL B 457 23.44 1.10 15.36
C VAL B 457 24.83 1.20 14.74
N THR B 458 25.36 0.07 14.28
CA THR B 458 26.70 0.04 13.70
C THR B 458 26.69 -0.60 12.30
N LEU B 459 27.22 0.13 11.32
CA LEU B 459 27.19 -0.32 9.94
C LEU B 459 28.57 -0.25 9.34
N LEU B 460 28.82 -1.03 8.30
CA LEU B 460 30.04 -0.86 7.52
C LEU B 460 29.68 -0.15 6.22
N LEU B 461 30.08 1.13 6.14
CA LEU B 461 29.70 1.99 5.05
C LEU B 461 30.92 2.42 4.23
N PHE B 470 34.27 2.01 5.83
CA PHE B 470 34.28 2.53 7.20
C PHE B 470 33.34 1.81 8.16
N LEU B 471 33.69 1.81 9.45
CA LEU B 471 32.89 1.19 10.49
C LEU B 471 32.37 2.28 11.41
N VAL B 472 31.09 2.60 11.26
CA VAL B 472 30.54 3.75 11.96
C VAL B 472 29.41 3.37 12.91
N SER B 473 29.36 4.06 14.05
CA SER B 473 28.34 3.83 15.07
C SER B 473 27.48 5.06 15.18
N PHE B 474 26.17 4.84 15.17
CA PHE B 474 25.22 5.91 15.29
C PHE B 474 24.53 5.77 16.63
N VAL B 475 24.46 6.88 17.37
CA VAL B 475 23.96 6.86 18.73
C VAL B 475 22.82 7.85 18.88
N ALA B 476 21.69 7.35 19.39
CA ALA B 476 20.53 8.21 19.69
C ALA B 476 20.06 8.04 21.14
N SER B 477 19.46 9.09 21.67
CA SER B 477 18.84 9.04 22.99
C SER B 477 17.70 7.99 23.03
N SER B 478 17.71 7.10 24.00
CA SER B 478 16.65 6.08 24.09
C SER B 478 15.25 6.68 24.11
N GLY B 479 14.41 6.25 23.18
CA GLY B 479 13.07 6.83 23.04
C GLY B 479 12.97 8.14 22.26
N ALA B 480 14.04 8.56 21.59
CA ALA B 480 13.96 9.78 20.78
C ALA B 480 12.86 9.58 19.74
N ALA B 481 11.78 10.35 19.88
CA ALA B 481 10.71 10.36 18.88
C ALA B 481 11.29 10.28 17.47
N VAL B 482 10.79 9.34 16.69
CA VAL B 482 11.18 9.27 15.28
C VAL B 482 10.37 10.30 14.52
N ARG B 483 10.31 11.51 15.06
CA ARG B 483 9.71 12.68 14.39
C ARG B 483 10.80 13.50 13.69
N GLY B 484 10.73 13.59 12.37
CA GLY B 484 11.42 14.66 11.67
C GLY B 484 12.44 14.27 10.64
N GLU B 485 13.37 15.21 10.43
CA GLU B 485 14.59 14.98 9.68
C GLU B 485 15.63 14.35 10.61
N LEU B 486 16.62 13.73 9.98
CA LEU B 486 17.57 12.87 10.66
C LEU B 486 18.93 13.53 10.64
N ARG B 487 19.25 14.24 11.71
CA ARG B 487 20.41 15.10 11.76
C ARG B 487 21.41 14.61 12.83
N ASN B 492 27.65 18.51 16.37
CA ASN B 492 27.46 19.22 17.63
C ASN B 492 28.26 18.62 18.79
N TYR B 493 27.84 17.46 19.31
CA TYR B 493 28.55 16.81 20.42
C TYR B 493 29.49 15.71 19.98
N LYS B 494 30.50 16.03 19.17
CA LYS B 494 31.47 15.02 18.80
C LYS B 494 32.59 14.94 19.86
N GLU B 495 32.18 15.08 21.10
CA GLU B 495 33.04 14.84 22.24
C GLU B 495 32.53 13.56 22.89
N ILE B 496 31.20 13.48 23.05
CA ILE B 496 30.57 12.21 23.42
C ILE B 496 31.17 11.10 22.55
N ASN B 497 31.57 11.46 21.33
CA ASN B 497 32.33 10.53 20.52
C ASN B 497 33.57 10.10 21.33
N ASN B 498 34.45 11.05 21.65
CA ASN B 498 35.59 10.79 22.54
C ASN B 498 35.30 9.84 23.70
N SER B 499 34.36 10.24 24.57
CA SER B 499 33.97 9.47 25.75
C SER B 499 33.84 7.98 25.44
N LEU B 500 33.08 7.69 24.38
CA LEU B 500 32.73 6.32 24.03
C LEU B 500 33.72 5.74 23.01
N ARG B 501 34.61 6.57 22.48
CA ARG B 501 35.69 6.08 21.63
C ARG B 501 36.75 5.49 22.54
N GLN B 502 36.99 6.19 23.65
CA GLN B 502 38.00 5.80 24.62
C GLN B 502 37.48 4.66 25.47
N ALA B 503 36.43 4.92 26.24
CA ALA B 503 35.77 3.92 27.06
C ALA B 503 35.57 2.60 26.30
N CYS B 504 35.46 2.71 24.97
CA CYS B 504 35.20 1.56 24.10
C CYS B 504 36.46 0.80 23.72
N GLU B 505 37.54 1.53 23.40
CA GLU B 505 38.81 0.94 22.94
C GLU B 505 39.48 0.01 23.93
N GLN B 506 39.19 0.23 25.22
CA GLN B 506 39.80 -0.54 26.29
C GLN B 506 39.22 -1.95 26.38
N THR B 507 37.90 -2.03 26.23
CA THR B 507 37.22 -3.32 26.30
C THR B 507 36.94 -3.89 24.91
N LEU B 508 37.83 -3.66 23.94
CA LEU B 508 37.58 -4.14 22.57
C LEU B 508 38.84 -4.28 21.69
N PRO B 509 38.89 -5.35 20.86
CA PRO B 509 39.93 -5.50 19.83
C PRO B 509 39.89 -4.32 18.88
N ALA B 510 41.00 -3.62 18.69
CA ALA B 510 40.98 -2.34 17.97
C ALA B 510 40.21 -2.41 16.65
N TYR B 511 40.17 -3.58 16.04
CA TYR B 511 39.51 -3.73 14.74
C TYR B 511 38.00 -3.78 14.89
N MSE B 512 37.51 -3.33 16.04
CA MSE B 512 36.09 -3.35 16.34
C MSE B 512 35.66 -2.03 16.93
O MSE B 512 34.51 -1.85 17.32
CB MSE B 512 35.78 -4.44 17.36
CG MSE B 512 35.84 -5.81 16.78
SE MSE B 512 35.22 -7.12 18.04
CE MSE B 512 34.84 -8.51 16.73
N VAL B 513 36.58 -1.09 17.00
CA VAL B 513 36.26 0.24 17.49
C VAL B 513 35.79 1.06 16.30
N PRO B 514 34.67 1.80 16.47
CA PRO B 514 34.14 2.63 15.39
C PRO B 514 35.17 3.64 14.88
N ASP B 515 35.13 3.98 13.59
CA ASP B 515 35.83 5.17 13.10
C ASP B 515 35.31 6.40 13.83
N PHE B 516 33.99 6.61 13.70
CA PHE B 516 33.33 7.73 14.37
C PHE B 516 32.10 7.23 15.12
N ILE B 517 31.80 7.89 16.24
CA ILE B 517 30.64 7.56 17.04
C ILE B 517 29.67 8.74 16.94
N ILE B 518 28.88 8.71 15.86
CA ILE B 518 28.02 9.83 15.48
C ILE B 518 26.68 9.83 16.22
N PRO B 519 26.39 10.90 16.97
CA PRO B 519 25.07 11.09 17.60
C PRO B 519 24.08 11.68 16.59
N ILE B 520 22.83 11.23 16.61
CA ILE B 520 21.83 11.64 15.63
C ILE B 520 20.46 11.84 16.33
N SER B 521 19.55 12.57 15.68
CA SER B 521 18.27 12.91 16.28
C SER B 521 17.49 11.68 16.62
N PHE B 522 17.59 10.62 15.80
CA PHE B 522 16.88 9.39 16.14
C PHE B 522 17.34 8.21 15.30
N ILE B 523 16.95 7.01 15.69
CA ILE B 523 17.19 5.84 14.84
C ILE B 523 15.99 5.66 13.89
N PRO B 524 16.21 5.85 12.58
CA PRO B 524 15.08 5.66 11.67
C PRO B 524 14.56 4.19 11.63
N LEU B 525 13.25 4.05 11.45
CA LEU B 525 12.64 2.76 11.24
C LEU B 525 12.05 2.71 9.84
N ARG B 526 11.88 1.49 9.33
CA ARG B 526 11.18 1.29 8.07
C ARG B 526 9.69 1.58 8.25
N ASP B 527 9.00 1.90 7.16
CA ASP B 527 7.61 2.34 7.25
C ASP B 527 6.65 1.23 7.74
N THR B 528 6.91 -0.01 7.34
CA THR B 528 5.96 -1.08 7.60
C THR B 528 6.57 -2.20 8.49
N SER B 529 7.45 -1.85 9.43
CA SER B 529 8.08 -2.85 10.30
C SER B 529 8.98 -2.13 11.28
N ALA B 530 9.50 -2.88 12.26
CA ALA B 530 10.27 -2.30 13.36
C ALA B 530 11.78 -2.47 13.16
N LYS B 531 12.16 -2.89 11.94
CA LYS B 531 13.55 -2.97 11.56
C LYS B 531 14.09 -1.56 11.50
N THR B 532 15.39 -1.42 11.77
CA THR B 532 16.10 -0.16 11.53
C THR B 532 16.13 0.16 10.04
N ASP B 533 16.03 1.45 9.71
CA ASP B 533 16.20 1.91 8.33
C ASP B 533 17.69 2.22 8.09
N ALA B 534 18.45 1.15 7.87
CA ALA B 534 19.87 1.27 7.60
C ALA B 534 20.08 2.28 6.47
N LYS B 535 19.38 2.10 5.35
CA LYS B 535 19.45 3.03 4.22
C LYS B 535 19.50 4.49 4.68
N ALA B 536 18.46 4.95 5.35
CA ALA B 536 18.47 6.28 5.94
C ALA B 536 19.85 6.58 6.54
N LEU B 537 20.34 5.68 7.38
CA LEU B 537 21.62 5.88 8.03
C LEU B 537 22.77 5.88 7.02
N GLU B 538 22.76 4.94 6.10
CA GLU B 538 23.82 4.79 5.10
C GLU B 538 23.97 6.11 4.38
N HIS B 539 22.87 6.85 4.30
CA HIS B 539 22.84 8.07 3.52
C HIS B 539 23.76 9.16 4.08
N MSE B 540 23.81 9.32 5.39
CA MSE B 540 24.69 10.33 5.98
C MSE B 540 26.14 9.95 5.74
O MSE B 540 26.68 9.06 6.42
CB MSE B 540 24.46 10.47 7.47
CG MSE B 540 23.06 10.19 7.99
SE MSE B 540 22.81 11.01 9.78
CE MSE B 540 23.14 12.87 9.22
N PHE B 541 26.78 10.62 4.78
S SO4 C . 9.28 22.36 -13.60
O1 SO4 C . 8.15 21.68 -14.17
O2 SO4 C . 8.87 23.65 -13.02
O3 SO4 C . 9.68 21.59 -12.44
O4 SO4 C . 10.34 22.55 -14.60
CL CL D . -8.27 15.27 -1.23
S SO4 E . -7.51 -11.03 -0.60
O1 SO4 E . -6.91 -11.89 -1.63
O2 SO4 E . -8.90 -11.45 -0.55
O3 SO4 E . -6.95 -11.33 0.70
O4 SO4 E . -7.26 -9.60 -0.80
CL CL F . -8.80 -30.94 10.11
#